data_1NX4
#
_entry.id   1NX4
#
_cell.length_a   79.930
_cell.length_b   163.946
_cell.length_c   146.455
_cell.angle_alpha   90.00
_cell.angle_beta   90.00
_cell.angle_gamma   90.00
#
_symmetry.space_group_name_H-M   'C 2 2 21'
#
loop_
_entity.id
_entity.type
_entity.pdbx_description
1 polymer 'Carbapenem synthase'
2 non-polymer 'FE (III) ION'
3 non-polymer '2-OXOGLUTARIC ACID'
4 water water
#
_entity_poly.entity_id   1
_entity_poly.type   'polypeptide(L)'
_entity_poly.pdbx_seq_one_letter_code
;(MSE)SEIVKFNPV(MSE)ASGFGAYIDHRDFLEAKTETIKNLL(MSE)RQGFVVVKNLDIDSDTFRDIYSAYGTIVEYA
DEKIGVGFGYRDTLKLEGEKGKIVTGRGQLPFHADGGLLLSQVDQVFLYAAEIKNVKFRGATTVCDHALACQE(MSE)PA
HLLRVLEEETFEVRVLERGYYVDVSPDGWFKVPVFTDLGWVRK(MSE)LIYFPFDEGQPASWEPRIVGFTDHETQAFFQE
LGAFLKQPRYYYKHFWEDGDLLI(MSE)DNRRVIHEREEFNDDDIVRRLYRGQTADI
;
_entity_poly.pdbx_strand_id   A,B,C
#
# COMPACT_ATOMS: atom_id res chain seq x y z
N SER A 2 21.71 36.46 8.09
CA SER A 2 20.90 35.38 7.45
C SER A 2 21.71 34.60 6.41
N GLU A 3 22.53 33.67 6.91
CA GLU A 3 23.33 32.86 6.03
C GLU A 3 22.59 31.63 5.49
N ILE A 4 23.18 31.02 4.47
CA ILE A 4 22.63 29.86 3.83
C ILE A 4 23.60 28.69 4.00
N VAL A 5 23.08 27.55 4.40
CA VAL A 5 23.89 26.36 4.35
C VAL A 5 23.45 25.59 3.08
N LYS A 6 24.41 24.96 2.42
CA LYS A 6 24.09 24.14 1.28
C LYS A 6 23.54 22.83 1.82
N PHE A 7 22.50 22.33 1.16
CA PHE A 7 21.89 21.05 1.54
C PHE A 7 21.15 20.38 0.38
N ASN A 8 20.91 19.10 0.53
CA ASN A 8 20.06 18.38 -0.37
C ASN A 8 18.94 17.77 0.46
N PRO A 9 17.71 17.82 -0.05
CA PRO A 9 16.58 17.23 0.64
C PRO A 9 16.67 15.74 0.81
N VAL A 10 16.01 15.19 1.81
CA VAL A 10 16.10 13.78 2.07
C VAL A 10 14.96 13.08 1.41
N ALA A 12 11.59 12.91 -1.25
CA ALA A 12 11.13 13.28 -2.60
C ALA A 12 10.19 14.49 -2.52
N SER A 13 9.50 14.68 -1.39
CA SER A 13 8.66 15.88 -1.19
C SER A 13 9.51 17.14 -1.03
N GLY A 14 10.78 16.97 -0.68
CA GLY A 14 11.65 18.12 -0.44
C GLY A 14 11.98 18.39 1.04
N PHE A 15 11.36 17.61 1.92
CA PHE A 15 11.57 17.67 3.38
C PHE A 15 12.92 17.02 3.75
N GLY A 16 13.45 17.30 4.95
CA GLY A 16 14.76 16.82 5.36
C GLY A 16 15.94 17.54 4.75
N ALA A 17 17.07 17.54 5.44
CA ALA A 17 18.28 18.15 4.87
C ALA A 17 19.57 17.32 5.05
N TYR A 18 20.17 16.81 3.96
CA TYR A 18 21.48 16.16 4.08
C TYR A 18 22.46 17.29 3.98
N ILE A 19 23.35 17.41 4.94
CA ILE A 19 24.31 18.50 4.95
C ILE A 19 25.68 17.87 5.14
N ASP A 20 26.58 18.17 4.21
CA ASP A 20 27.99 17.75 4.28
C ASP A 20 28.63 18.25 5.58
N HIS A 21 29.46 17.41 6.17
CA HIS A 21 30.14 17.71 7.44
C HIS A 21 30.94 19.01 7.53
N ARG A 22 31.58 19.40 6.42
CA ARG A 22 32.36 20.62 6.40
C ARG A 22 31.41 21.80 6.44
N ASP A 23 30.45 21.81 5.51
CA ASP A 23 29.37 22.79 5.47
C ASP A 23 28.61 22.91 6.82
N PHE A 24 28.35 21.78 7.49
CA PHE A 24 27.71 21.77 8.82
C PHE A 24 28.55 22.49 9.88
N LEU A 25 29.83 22.15 9.93
CA LEU A 25 30.73 22.70 10.94
C LEU A 25 31.04 24.17 10.72
N GLU A 26 30.99 24.62 9.46
CA GLU A 26 31.25 26.02 9.12
C GLU A 26 29.99 26.90 9.29
N ALA A 27 28.83 26.28 9.38
CA ALA A 27 27.59 27.05 9.52
C ALA A 27 27.34 27.52 10.93
N LYS A 28 26.75 28.69 11.02
CA LYS A 28 26.26 29.20 12.28
C LYS A 28 25.13 28.30 12.78
N THR A 29 25.11 28.13 14.10
CA THR A 29 24.07 27.41 14.78
C THR A 29 22.65 27.85 14.34
N GLU A 30 22.45 29.16 14.31
CA GLU A 30 21.21 29.80 13.94
C GLU A 30 20.76 29.42 12.53
N THR A 31 21.71 29.27 11.60
CA THR A 31 21.40 28.84 10.25
C THR A 31 20.80 27.41 10.22
N ILE A 32 21.35 26.50 11.02
CA ILE A 32 20.86 25.12 11.07
C ILE A 32 19.54 25.08 11.83
N LYS A 33 19.50 25.74 12.98
CA LYS A 33 18.28 25.87 13.80
C LYS A 33 17.11 26.40 12.97
N ASN A 34 17.36 27.44 12.20
CA ASN A 34 16.39 27.92 11.25
C ASN A 34 15.99 26.88 10.20
N LEU A 35 16.97 26.22 9.60
CA LEU A 35 16.66 25.23 8.58
C LEU A 35 15.78 24.10 9.09
N LEU A 36 16.06 23.61 10.30
CA LEU A 36 15.29 22.58 11.00
C LEU A 36 13.82 22.84 11.14
N ARG A 38 11.72 24.28 9.03
CA ARG A 38 11.02 23.90 7.81
C ARG A 38 11.46 22.59 7.24
N GLN A 39 12.68 22.14 7.55
CA GLN A 39 13.08 20.87 7.00
C GLN A 39 12.82 19.73 7.91
N GLY A 40 12.46 19.99 9.15
CA GLY A 40 12.22 18.88 10.08
C GLY A 40 13.41 18.16 10.72
N PHE A 41 14.37 17.77 9.91
CA PHE A 41 15.51 17.02 10.40
C PHE A 41 16.72 17.24 9.53
N VAL A 42 17.89 17.12 10.13
CA VAL A 42 19.18 17.34 9.48
C VAL A 42 20.02 16.08 9.65
N VAL A 43 20.65 15.64 8.56
CA VAL A 43 21.50 14.47 8.57
C VAL A 43 22.89 14.87 8.09
N VAL A 44 23.88 14.63 8.96
CA VAL A 44 25.26 14.86 8.65
C VAL A 44 25.99 13.54 8.81
N LYS A 45 26.76 13.12 7.82
CA LYS A 45 27.60 11.94 7.93
C LYS A 45 29.08 12.34 8.00
N ASN A 46 29.93 11.38 8.39
CA ASN A 46 31.39 11.55 8.48
C ASN A 46 31.89 12.63 9.42
N LEU A 47 31.19 12.84 10.50
CA LEU A 47 31.62 13.82 11.48
C LEU A 47 32.45 13.11 12.57
N ASP A 48 33.69 13.46 12.87
CA ASP A 48 34.38 12.71 13.94
C ASP A 48 34.59 13.53 15.23
N ILE A 49 33.59 13.54 16.11
CA ILE A 49 33.69 14.33 17.33
C ILE A 49 33.55 13.52 18.62
N ASP A 50 34.03 14.08 19.73
CA ASP A 50 33.82 13.42 21.00
C ASP A 50 32.58 14.01 21.70
N SER A 51 32.27 13.51 22.90
CA SER A 51 31.08 13.93 23.63
C SER A 51 31.06 15.39 24.05
N ASP A 52 32.23 15.97 24.31
CA ASP A 52 32.37 17.36 24.70
C ASP A 52 32.08 18.33 23.57
N THR A 53 32.55 17.96 22.38
CA THR A 53 32.33 18.76 21.18
C THR A 53 30.85 18.68 20.78
N PHE A 54 30.25 17.49 20.93
CA PHE A 54 28.83 17.25 20.65
C PHE A 54 27.99 18.17 21.52
N ARG A 55 28.34 18.24 22.80
CA ARG A 55 27.74 19.14 23.76
C ARG A 55 27.88 20.58 23.35
N ASP A 56 29.08 21.02 22.91
CA ASP A 56 29.33 22.38 22.43
C ASP A 56 28.44 22.73 21.22
N ILE A 57 28.28 21.76 20.34
CA ILE A 57 27.43 21.95 19.17
C ILE A 57 25.98 22.12 19.59
N TYR A 58 25.44 21.17 20.36
CA TYR A 58 24.01 21.28 20.68
C TYR A 58 23.57 22.37 21.65
N SER A 59 24.41 22.67 22.66
CA SER A 59 24.05 23.63 23.70
C SER A 59 23.93 25.03 23.20
N ALA A 60 24.59 25.30 22.09
CA ALA A 60 24.45 26.58 21.46
C ALA A 60 23.01 26.84 20.89
N TYR A 61 22.20 25.82 20.65
CA TYR A 61 20.81 25.97 20.11
C TYR A 61 19.74 26.45 21.10
N GLY A 62 20.05 26.48 22.40
CA GLY A 62 19.06 26.87 23.39
C GLY A 62 19.41 26.44 24.82
N THR A 63 18.40 26.23 25.65
CA THR A 63 18.63 25.76 27.01
C THR A 63 18.63 24.26 26.97
N ILE A 64 19.61 23.62 27.57
CA ILE A 64 19.68 22.18 27.66
C ILE A 64 18.56 21.60 28.53
N VAL A 65 17.85 20.62 28.00
CA VAL A 65 16.86 19.89 28.76
C VAL A 65 17.53 18.62 29.32
N GLU A 66 17.42 18.45 30.63
CA GLU A 66 18.12 17.39 31.35
C GLU A 66 17.25 16.18 31.74
N ARG A 79 23.49 16.19 34.39
CA ARG A 79 22.65 15.25 33.64
C ARG A 79 22.27 15.74 32.21
N ASP A 80 23.26 16.22 31.44
CA ASP A 80 22.99 16.78 30.11
C ASP A 80 22.94 15.83 28.88
N THR A 81 23.99 15.03 28.68
CA THR A 81 24.04 14.12 27.54
C THR A 81 23.55 12.71 27.90
N LEU A 82 22.52 12.20 27.20
CA LEU A 82 22.05 10.84 27.45
C LEU A 82 22.82 9.80 26.61
N LYS A 83 23.39 8.83 27.30
CA LYS A 83 24.11 7.77 26.64
C LYS A 83 23.20 6.58 26.39
N LEU A 84 22.56 6.57 25.23
CA LEU A 84 21.75 5.43 24.82
C LEU A 84 22.76 4.40 24.29
N GLU A 85 23.06 3.37 25.09
CA GLU A 85 24.11 2.42 24.72
C GLU A 85 23.61 1.00 24.52
N GLY A 86 22.33 0.79 24.72
CA GLY A 86 21.76 -0.53 24.55
C GLY A 86 21.96 -1.36 25.79
N GLU A 87 21.61 -0.78 26.93
CA GLU A 87 21.74 -1.45 28.23
C GLU A 87 20.55 -2.38 28.48
N LYS A 88 20.86 -3.61 28.89
CA LYS A 88 19.83 -4.62 29.14
C LYS A 88 19.05 -4.38 30.43
N GLY A 89 17.74 -4.63 30.38
CA GLY A 89 16.88 -4.47 31.54
C GLY A 89 16.36 -3.05 31.68
N LYS A 90 16.51 -2.27 30.61
CA LYS A 90 16.03 -0.89 30.59
C LYS A 90 15.16 -0.64 29.33
N ILE A 91 14.47 0.50 29.30
CA ILE A 91 13.56 0.74 28.20
C ILE A 91 14.09 1.70 27.15
N VAL A 92 14.17 2.97 27.50
CA VAL A 92 14.66 4.04 26.62
C VAL A 92 16.13 3.81 26.26
N THR A 93 16.90 3.48 27.28
CA THR A 93 18.31 3.17 27.16
C THR A 93 18.51 1.66 26.79
N GLY A 94 17.39 0.96 26.60
CA GLY A 94 17.37 -0.45 26.25
C GLY A 94 17.64 -0.83 24.82
N ARG A 95 17.25 -2.05 24.46
CA ARG A 95 17.54 -2.59 23.15
C ARG A 95 16.32 -2.84 22.25
N GLY A 96 15.15 -2.49 22.75
CA GLY A 96 13.95 -2.76 21.98
C GLY A 96 13.37 -1.52 21.34
N GLN A 97 12.12 -1.64 20.93
CA GLN A 97 11.40 -0.56 20.25
C GLN A 97 11.07 0.66 21.09
N LEU A 98 11.20 1.83 20.51
CA LEU A 98 10.58 2.99 21.07
C LEU A 98 9.61 3.40 19.93
N PRO A 99 8.31 3.28 20.12
CA PRO A 99 7.33 3.61 19.09
C PRO A 99 7.16 5.10 18.91
N PHE A 100 6.44 5.49 17.85
CA PHE A 100 6.20 6.88 17.49
C PHE A 100 5.89 7.78 18.65
N HIS A 101 6.72 8.81 18.76
CA HIS A 101 6.55 9.84 19.77
C HIS A 101 7.28 11.10 19.41
N ALA A 102 7.01 12.11 20.21
CA ALA A 102 7.85 13.30 20.23
C ALA A 102 8.41 13.34 21.65
N ASP A 103 9.52 14.01 21.85
CA ASP A 103 10.18 14.05 23.16
C ASP A 103 9.57 15.08 24.09
N GLY A 104 9.61 14.75 25.38
CA GLY A 104 9.24 15.67 26.43
C GLY A 104 7.79 15.89 26.83
N GLY A 105 6.89 14.94 26.57
CA GLY A 105 5.51 15.14 27.05
C GLY A 105 5.09 14.21 28.19
N LEU A 106 5.97 13.30 28.61
CA LEU A 106 5.66 12.42 29.75
C LEU A 106 6.23 13.02 31.01
N LEU A 107 7.40 13.66 30.85
CA LEU A 107 7.89 14.61 31.85
C LEU A 107 7.21 15.90 31.36
N LEU A 108 7.02 16.92 32.19
CA LEU A 108 6.34 18.07 31.57
C LEU A 108 7.29 19.26 31.24
N SER A 109 8.26 18.91 30.38
CA SER A 109 9.34 19.80 30.01
C SER A 109 9.47 19.92 28.49
N GLN A 110 9.46 21.15 28.00
CA GLN A 110 9.48 21.42 26.58
C GLN A 110 10.75 21.00 25.84
N VAL A 111 10.64 20.29 24.72
CA VAL A 111 11.83 19.97 23.94
C VAL A 111 11.63 20.50 22.52
N ASP A 112 12.52 21.39 22.08
CA ASP A 112 12.47 21.92 20.73
C ASP A 112 13.34 21.15 19.75
N GLN A 113 14.58 20.87 20.11
CA GLN A 113 15.47 20.16 19.22
C GLN A 113 16.08 18.93 19.88
N VAL A 114 16.09 17.81 19.14
CA VAL A 114 16.72 16.60 19.65
C VAL A 114 17.96 16.33 18.80
N PHE A 115 19.05 15.85 19.39
CA PHE A 115 20.28 15.65 18.68
C PHE A 115 20.76 14.23 18.98
N LEU A 116 21.12 13.51 17.94
CA LEU A 116 21.54 12.13 18.13
C LEU A 116 22.86 11.89 17.41
N TYR A 117 23.85 11.40 18.12
CA TYR A 117 25.13 11.20 17.48
C TYR A 117 25.60 9.79 17.64
N ALA A 118 26.22 9.26 16.61
CA ALA A 118 26.69 7.92 16.66
C ALA A 118 28.16 7.82 17.02
N ALA A 119 28.40 7.38 18.25
CA ALA A 119 29.76 7.23 18.77
C ALA A 119 30.38 5.87 18.49
N GLU A 120 29.54 4.82 18.39
CA GLU A 120 29.97 3.44 18.06
C GLU A 120 28.86 2.53 17.54
N ILE A 121 29.02 2.06 16.30
CA ILE A 121 28.09 1.14 15.70
C ILE A 121 28.84 -0.04 15.12
N LYS A 122 28.50 -1.23 15.59
CA LYS A 122 29.09 -2.44 15.05
C LYS A 122 28.00 -3.51 14.93
N ASN A 123 28.15 -4.36 13.91
CA ASN A 123 27.28 -5.52 13.67
C ASN A 123 25.79 -5.28 13.44
N VAL A 124 25.45 -4.10 12.93
CA VAL A 124 24.06 -3.79 12.65
C VAL A 124 23.94 -3.02 11.36
N LYS A 125 23.22 -3.62 10.43
CA LYS A 125 23.06 -3.04 9.11
C LYS A 125 21.61 -2.80 8.71
N PHE A 126 20.68 -3.49 9.39
CA PHE A 126 19.27 -3.38 9.04
C PHE A 126 18.32 -3.52 10.24
N ARG A 127 18.70 -2.88 11.33
CA ARG A 127 17.98 -2.98 12.56
C ARG A 127 18.36 -1.72 13.32
N GLY A 128 17.72 -1.49 14.47
CA GLY A 128 18.01 -0.30 15.27
C GLY A 128 17.97 1.10 14.65
N ALA A 129 17.21 1.25 13.58
CA ALA A 129 17.03 2.55 12.95
C ALA A 129 16.34 3.57 13.84
N THR A 130 16.72 4.83 13.64
CA THR A 130 15.96 5.92 14.18
C THR A 130 15.14 6.34 12.98
N THR A 131 13.85 6.43 13.13
CA THR A 131 13.07 6.82 11.99
C THR A 131 12.38 8.14 12.19
N VAL A 132 12.11 8.88 11.12
CA VAL A 132 11.53 10.20 11.26
C VAL A 132 10.26 10.37 10.40
N CYS A 133 9.21 11.01 10.94
CA CYS A 133 7.99 11.21 10.18
C CYS A 133 7.52 12.65 10.00
N ASP A 134 7.28 13.03 8.74
CA ASP A 134 6.78 14.36 8.37
C ASP A 134 5.31 14.44 8.77
N HIS A 135 5.04 14.85 10.01
CA HIS A 135 3.66 14.79 10.49
C HIS A 135 2.70 15.82 9.90
N ALA A 136 3.23 16.97 9.48
CA ALA A 136 2.37 18.04 8.97
C ALA A 136 1.90 17.72 7.56
N LEU A 137 2.76 17.09 6.75
CA LEU A 137 2.36 16.68 5.41
C LEU A 137 1.42 15.48 5.56
N ALA A 138 1.73 14.58 6.49
CA ALA A 138 0.87 13.44 6.70
C ALA A 138 -0.52 13.79 7.19
N CYS A 139 -0.63 14.79 8.09
CA CYS A 139 -1.93 15.22 8.56
C CYS A 139 -2.76 15.94 7.51
N GLN A 140 -2.08 16.64 6.61
CA GLN A 140 -2.71 17.38 5.57
C GLN A 140 -3.26 16.39 4.52
N GLU A 141 -2.67 15.19 4.41
CA GLU A 141 -3.03 14.26 3.33
C GLU A 141 -3.76 12.97 3.77
N PRO A 143 -6.53 10.25 5.43
CA PRO A 143 -7.99 10.13 5.39
C PRO A 143 -8.59 10.87 6.57
N ALA A 144 -9.69 11.59 6.33
CA ALA A 144 -10.39 12.40 7.32
C ALA A 144 -10.86 11.66 8.55
N HIS A 145 -11.16 10.36 8.41
CA HIS A 145 -11.57 9.60 9.59
C HIS A 145 -10.38 9.32 10.53
N LEU A 146 -9.14 9.40 10.03
CA LEU A 146 -8.01 9.26 10.91
C LEU A 146 -7.71 10.58 11.57
N LEU A 147 -7.81 11.67 10.80
CA LEU A 147 -7.51 13.02 11.29
C LEU A 147 -8.48 13.48 12.38
N ARG A 148 -9.74 13.13 12.20
CA ARG A 148 -10.83 13.50 13.14
C ARG A 148 -10.55 13.02 14.55
N VAL A 149 -10.02 11.81 14.66
CA VAL A 149 -9.64 11.24 15.93
C VAL A 149 -8.51 12.04 16.58
N LEU A 150 -7.47 12.36 15.80
CA LEU A 150 -6.35 13.15 16.29
C LEU A 150 -6.74 14.53 16.77
N GLU A 151 -7.66 15.18 16.06
CA GLU A 151 -8.14 16.52 16.38
C GLU A 151 -9.19 16.63 17.46
N GLU A 152 -10.07 15.64 17.59
CA GLU A 152 -11.22 15.82 18.46
C GLU A 152 -11.28 14.90 19.67
N GLU A 153 -10.44 13.86 19.68
CA GLU A 153 -10.49 12.95 20.81
C GLU A 153 -9.45 13.19 21.86
N THR A 154 -9.75 12.75 23.08
CA THR A 154 -8.83 12.91 24.17
C THR A 154 -7.97 11.66 24.28
N PHE A 155 -6.66 11.87 24.14
CA PHE A 155 -5.66 10.84 24.25
C PHE A 155 -5.01 10.89 25.62
N GLU A 156 -4.93 9.74 26.28
CA GLU A 156 -4.26 9.70 27.56
C GLU A 156 -3.09 8.75 27.55
N VAL A 157 -2.13 8.99 28.45
CA VAL A 157 -0.92 8.19 28.58
C VAL A 157 -0.63 7.86 30.07
N ARG A 158 -0.13 6.65 30.32
CA ARG A 158 0.32 6.23 31.60
C ARG A 158 1.78 5.81 31.46
N VAL A 159 2.64 6.28 32.37
CA VAL A 159 4.04 5.89 32.34
C VAL A 159 4.25 4.53 33.02
N LEU A 160 4.89 3.59 32.31
CA LEU A 160 5.18 2.28 32.89
C LEU A 160 6.63 2.16 33.38
N TRP A 173 -2.70 7.90 34.70
CA TRP A 173 -3.31 8.30 33.43
C TRP A 173 -3.51 9.80 33.33
N PHE A 174 -2.87 10.40 32.35
CA PHE A 174 -2.98 11.84 32.14
C PHE A 174 -3.14 12.23 30.66
N LYS A 175 -3.86 13.33 30.44
CA LYS A 175 -4.12 13.89 29.13
C LYS A 175 -2.92 14.52 28.45
N VAL A 176 -2.62 14.05 27.23
CA VAL A 176 -1.57 14.63 26.40
C VAL A 176 -2.23 15.21 25.13
N PRO A 177 -2.12 16.51 24.90
CA PRO A 177 -2.81 17.12 23.76
C PRO A 177 -2.03 16.80 22.49
N VAL A 178 -2.75 16.32 21.50
CA VAL A 178 -2.20 15.88 20.26
C VAL A 178 -1.61 17.04 19.52
N PHE A 179 -2.39 18.09 19.36
CA PHE A 179 -1.89 19.22 18.64
C PHE A 179 -1.79 20.45 19.51
N THR A 180 -0.67 21.14 19.40
CA THR A 180 -0.51 22.41 20.05
C THR A 180 -0.14 23.35 18.92
N ASP A 181 -0.98 24.34 18.69
CA ASP A 181 -0.87 25.20 17.53
C ASP A 181 0.16 26.28 17.77
N LEU A 182 1.29 26.17 17.05
CA LEU A 182 2.36 27.15 17.16
C LEU A 182 2.35 28.11 16.02
N GLY A 183 1.33 27.98 15.17
CA GLY A 183 1.22 28.81 14.00
C GLY A 183 1.83 28.19 12.80
N TRP A 184 3.16 28.17 12.84
CA TRP A 184 3.93 27.63 11.72
C TRP A 184 3.82 26.11 11.56
N VAL A 185 3.58 25.45 12.66
CA VAL A 185 3.28 24.03 12.68
C VAL A 185 2.32 23.77 13.88
N ARG A 186 1.52 22.70 13.78
CA ARG A 186 0.78 22.19 14.89
C ARG A 186 1.73 21.15 15.48
N LYS A 187 2.37 21.46 16.62
CA LYS A 187 3.29 20.52 17.27
C LYS A 187 2.55 19.28 17.73
N LEU A 189 2.29 15.93 19.99
CA LEU A 189 2.69 15.15 21.11
C LEU A 189 1.77 13.94 21.08
N ILE A 190 2.32 12.78 20.80
CA ILE A 190 1.59 11.52 20.78
C ILE A 190 2.52 10.39 21.23
N TYR A 191 1.97 9.36 21.86
CA TYR A 191 2.75 8.26 22.36
C TYR A 191 2.13 6.98 21.85
N PHE A 192 2.72 6.40 20.80
CA PHE A 192 2.16 5.16 20.22
C PHE A 192 2.26 3.91 21.14
N PRO A 193 1.45 2.88 20.95
CA PRO A 193 1.64 1.69 21.80
C PRO A 193 2.82 0.87 21.34
N PHE A 194 3.43 0.17 22.27
CA PHE A 194 4.57 -0.68 21.96
C PHE A 194 4.00 -1.93 21.29
N ASP A 195 4.70 -2.44 20.27
CA ASP A 195 4.36 -3.72 19.64
C ASP A 195 4.50 -4.83 20.68
N GLU A 196 3.70 -5.89 20.59
CA GLU A 196 3.77 -7.02 21.53
C GLU A 196 5.15 -7.66 21.51
N GLY A 197 5.67 -7.94 22.70
CA GLY A 197 7.00 -8.52 22.83
C GLY A 197 8.06 -7.45 23.11
N GLN A 198 7.70 -6.19 22.92
CA GLN A 198 8.63 -5.11 23.21
C GLN A 198 8.28 -4.52 24.56
N PRO A 199 9.28 -4.35 25.44
CA PRO A 199 9.04 -3.82 26.79
C PRO A 199 8.60 -2.36 26.73
N ALA A 200 7.39 -2.16 27.20
CA ALA A 200 6.73 -0.86 27.24
C ALA A 200 7.18 0.08 28.37
N SER A 201 7.52 1.29 27.99
CA SER A 201 7.93 2.32 28.92
C SER A 201 6.70 3.18 29.12
N TRP A 202 5.75 3.07 28.21
CA TRP A 202 4.48 3.79 28.33
C TRP A 202 3.34 3.02 27.72
N GLU A 203 2.13 3.55 27.87
CA GLU A 203 0.92 2.91 27.40
C GLU A 203 -0.14 3.97 27.07
N PRO A 204 -0.66 4.00 25.86
CA PRO A 204 -1.69 4.98 25.52
C PRO A 204 -3.11 4.52 25.61
N ARG A 205 -4.03 5.47 25.60
CA ARG A 205 -5.47 5.15 25.55
C ARG A 205 -6.22 6.33 24.94
N ILE A 206 -7.40 6.08 24.39
CA ILE A 206 -8.20 7.16 23.86
C ILE A 206 -9.51 7.09 24.60
N VAL A 207 -9.91 8.20 25.23
CA VAL A 207 -11.14 8.27 26.00
C VAL A 207 -12.36 8.11 25.09
N GLY A 208 -13.18 7.12 25.45
CA GLY A 208 -14.39 6.77 24.74
C GLY A 208 -14.25 5.65 23.73
N PHE A 209 -13.04 5.11 23.64
CA PHE A 209 -12.77 4.06 22.69
C PHE A 209 -12.50 2.76 23.44
N THR A 210 -13.01 1.63 22.96
CA THR A 210 -12.58 0.38 23.55
C THR A 210 -11.14 0.03 23.15
N ASP A 211 -10.57 -0.93 23.88
CA ASP A 211 -9.24 -1.48 23.61
C ASP A 211 -9.02 -1.97 22.17
N HIS A 212 -10.06 -2.54 21.59
CA HIS A 212 -10.15 -2.98 20.20
C HIS A 212 -10.00 -1.79 19.24
N GLU A 213 -10.74 -0.72 19.55
CA GLU A 213 -10.85 0.45 18.71
C GLU A 213 -9.56 1.25 18.70
N THR A 214 -8.97 1.38 19.87
CA THR A 214 -7.70 2.09 20.08
C THR A 214 -6.55 1.37 19.41
N GLN A 215 -6.57 0.03 19.46
CA GLN A 215 -5.53 -0.76 18.82
C GLN A 215 -5.66 -0.66 17.29
N ALA A 216 -6.89 -0.72 16.81
CA ALA A 216 -7.14 -0.60 15.38
C ALA A 216 -6.77 0.79 14.86
N PHE A 217 -7.09 1.83 15.65
CA PHE A 217 -6.80 3.20 15.25
C PHE A 217 -5.32 3.39 15.11
N PHE A 218 -4.57 2.91 16.10
CA PHE A 218 -3.13 3.06 16.09
C PHE A 218 -2.44 2.24 15.04
N GLN A 219 -2.90 1.01 14.80
CA GLN A 219 -2.34 0.17 13.72
C GLN A 219 -2.51 0.84 12.34
N GLU A 220 -3.69 1.42 12.11
CA GLU A 220 -4.01 2.07 10.85
C GLU A 220 -3.28 3.39 10.65
N LEU A 221 -3.26 4.22 11.68
CA LEU A 221 -2.51 5.46 11.65
C LEU A 221 -0.98 5.22 11.45
N GLY A 222 -0.40 4.22 12.15
CA GLY A 222 1.03 3.91 12.06
C GLY A 222 1.49 3.56 10.65
N ALA A 223 0.67 2.75 9.98
CA ALA A 223 0.90 2.37 8.62
C ALA A 223 0.78 3.56 7.69
N PHE A 224 -0.11 4.51 8.00
CA PHE A 224 -0.20 5.70 7.18
C PHE A 224 1.06 6.53 7.38
N LEU A 225 1.51 6.64 8.62
CA LEU A 225 2.72 7.43 8.93
C LEU A 225 4.04 6.86 8.39
N LYS A 226 4.04 5.57 8.04
CA LYS A 226 5.24 4.88 7.63
C LYS A 226 5.41 4.85 6.15
N GLN A 227 4.45 5.41 5.44
CA GLN A 227 4.56 5.53 3.99
C GLN A 227 5.77 6.41 3.64
N PRO A 228 6.58 5.92 2.70
CA PRO A 228 7.83 6.55 2.27
C PRO A 228 7.75 8.06 1.92
N ARG A 229 6.61 8.57 1.43
CA ARG A 229 6.43 10.02 1.31
C ARG A 229 6.64 10.79 2.67
N TYR A 230 6.25 10.20 3.79
CA TYR A 230 6.38 10.89 5.06
C TYR A 230 7.52 10.35 5.96
N TYR A 231 8.15 9.25 5.59
CA TYR A 231 8.96 8.48 6.53
C TYR A 231 10.40 8.24 6.08
N TYR A 232 11.34 8.67 6.91
CA TYR A 232 12.73 8.42 6.68
C TYR A 232 13.23 7.42 7.72
N LYS A 233 14.00 6.44 7.31
CA LYS A 233 14.61 5.49 8.23
C LYS A 233 16.12 5.74 8.20
N HIS A 234 16.73 5.97 9.36
CA HIS A 234 18.16 6.24 9.40
C HIS A 234 18.86 5.06 10.03
N PHE A 235 19.63 4.36 9.24
CA PHE A 235 20.41 3.26 9.74
C PHE A 235 21.75 3.86 10.10
N TRP A 236 22.20 3.59 11.31
CA TRP A 236 23.32 4.30 11.90
C TRP A 236 24.71 3.83 11.55
N GLU A 237 25.61 4.79 11.34
CA GLU A 237 27.04 4.54 11.13
C GLU A 237 27.82 5.52 11.98
N ASP A 238 28.99 5.07 12.47
CA ASP A 238 29.94 5.91 13.21
C ASP A 238 30.10 7.27 12.56
N GLY A 239 29.95 8.30 13.39
CA GLY A 239 30.06 9.62 12.86
C GLY A 239 28.77 10.24 12.34
N ASP A 240 27.65 9.52 12.30
CA ASP A 240 26.41 10.19 11.91
C ASP A 240 25.83 11.09 13.01
N LEU A 241 25.33 12.23 12.58
CA LEU A 241 24.62 13.15 13.43
C LEU A 241 23.20 13.37 12.82
N LEU A 242 22.18 13.12 13.63
CA LEU A 242 20.80 13.34 13.29
C LEU A 242 20.26 14.42 14.24
N ILE A 243 19.78 15.51 13.68
CA ILE A 243 19.15 16.55 14.50
C ILE A 243 17.74 16.63 14.06
N ASP A 245 13.91 18.61 14.68
CA ASP A 245 13.09 19.63 15.31
C ASP A 245 11.92 18.81 15.81
N ASN A 246 11.80 18.77 17.14
CA ASN A 246 10.79 18.02 17.90
C ASN A 246 9.36 18.56 17.77
N ARG A 247 9.16 19.75 17.18
CA ARG A 247 7.78 20.22 17.01
C ARG A 247 7.31 19.90 15.61
N ARG A 248 8.23 19.52 14.75
CA ARG A 248 7.95 19.42 13.35
C ARG A 248 7.88 17.95 12.94
N VAL A 249 8.55 17.07 13.67
CA VAL A 249 8.47 15.67 13.34
C VAL A 249 8.22 14.84 14.56
N ILE A 250 7.84 13.58 14.33
CA ILE A 250 7.76 12.57 15.36
C ILE A 250 8.72 11.47 14.97
N HIS A 251 9.07 10.63 15.94
CA HIS A 251 10.10 9.69 15.67
C HIS A 251 9.99 8.42 16.42
N GLU A 252 10.80 7.47 15.98
CA GLU A 252 10.72 6.14 16.50
C GLU A 252 12.09 5.51 16.49
N ARG A 253 12.31 4.56 17.39
CA ARG A 253 13.48 3.71 17.34
C ARG A 253 13.04 2.26 17.08
N GLU A 254 13.53 1.62 16.03
CA GLU A 254 13.22 0.22 15.77
C GLU A 254 14.08 -0.69 16.65
N GLU A 255 13.60 -1.87 17.03
CA GLU A 255 14.34 -2.78 17.92
C GLU A 255 15.75 -3.17 17.43
N PHE A 256 16.63 -3.52 18.36
CA PHE A 256 17.95 -4.02 18.02
C PHE A 256 18.36 -5.13 18.99
N ASN A 257 17.42 -6.04 19.25
CA ASN A 257 17.61 -7.10 20.24
C ASN A 257 18.41 -8.36 19.74
N ASP A 258 19.61 -8.05 19.27
CA ASP A 258 20.62 -9.02 18.90
C ASP A 258 21.78 -8.57 19.78
N ASP A 259 22.31 -9.50 20.56
CA ASP A 259 23.36 -9.23 21.54
C ASP A 259 24.75 -8.90 20.97
N ASP A 260 24.94 -9.19 19.69
CA ASP A 260 26.18 -8.86 19.01
C ASP A 260 26.29 -7.40 18.61
N ILE A 261 25.17 -6.66 18.65
CA ILE A 261 25.12 -5.28 18.24
C ILE A 261 25.68 -4.29 19.26
N VAL A 262 26.53 -3.40 18.79
CA VAL A 262 26.90 -2.28 19.60
C VAL A 262 26.21 -1.11 18.96
N ARG A 263 25.37 -0.43 19.71
CA ARG A 263 24.73 0.76 19.23
C ARG A 263 24.83 1.77 20.33
N ARG A 264 25.74 2.73 20.18
CA ARG A 264 26.00 3.70 21.24
C ARG A 264 25.81 5.08 20.68
N LEU A 265 24.78 5.75 21.18
CA LEU A 265 24.49 7.08 20.74
C LEU A 265 24.59 8.10 21.80
N TYR A 266 25.03 9.29 21.42
CA TYR A 266 25.00 10.39 22.36
C TYR A 266 23.66 11.10 22.09
N ARG A 267 23.00 11.57 23.15
CA ARG A 267 21.75 12.29 22.96
C ARG A 267 21.76 13.66 23.65
N GLY A 268 21.33 14.70 22.93
CA GLY A 268 21.21 16.03 23.48
C GLY A 268 19.83 16.61 23.15
N GLN A 269 19.31 17.44 24.03
CA GLN A 269 18.00 18.05 23.89
C GLN A 269 18.01 19.50 24.29
N THR A 270 17.45 20.35 23.43
CA THR A 270 17.33 21.78 23.75
C THR A 270 15.97 22.37 23.52
N ALA A 271 15.76 23.54 24.12
CA ALA A 271 14.53 24.33 23.96
C ALA A 271 14.71 25.79 24.33
N ASP A 272 13.81 26.62 23.79
CA ASP A 272 13.61 27.99 24.23
C ASP A 272 12.14 28.01 24.63
N SER B 2 -31.80 25.05 -13.37
CA SER B 2 -30.47 24.50 -12.98
C SER B 2 -29.90 25.22 -11.77
N GLU B 3 -30.23 24.71 -10.58
CA GLU B 3 -29.73 25.29 -9.33
C GLU B 3 -28.42 24.62 -8.85
N ILE B 4 -27.72 25.32 -7.95
CA ILE B 4 -26.44 24.87 -7.41
C ILE B 4 -26.47 24.73 -5.88
N VAL B 5 -26.01 23.61 -5.35
CA VAL B 5 -25.75 23.54 -3.92
C VAL B 5 -24.27 23.76 -3.65
N LYS B 6 -24.04 24.38 -2.51
CA LYS B 6 -22.72 24.54 -1.95
C LYS B 6 -22.33 23.18 -1.38
N PHE B 7 -21.11 22.76 -1.68
CA PHE B 7 -20.56 21.52 -1.16
C PHE B 7 -19.04 21.54 -1.15
N ASN B 8 -18.48 20.64 -0.37
CA ASN B 8 -17.05 20.43 -0.39
C ASN B 8 -16.77 18.99 -0.77
N PRO B 9 -15.71 18.72 -1.52
CA PRO B 9 -15.39 17.33 -1.85
C PRO B 9 -14.94 16.52 -0.63
N VAL B 10 -15.12 15.21 -0.69
CA VAL B 10 -14.74 14.33 0.40
C VAL B 10 -13.37 13.75 0.14
N ALA B 12 -9.72 13.59 -2.09
CA ALA B 12 -8.70 14.47 -2.65
C ALA B 12 -8.79 14.53 -4.17
N SER B 13 -9.29 13.48 -4.78
CA SER B 13 -9.56 13.49 -6.22
C SER B 13 -10.74 14.37 -6.67
N GLY B 14 -11.53 14.88 -5.71
CA GLY B 14 -12.67 15.74 -6.05
C GLY B 14 -14.05 15.03 -5.94
N PHE B 15 -14.05 13.74 -5.64
CA PHE B 15 -15.23 12.91 -5.48
C PHE B 15 -15.89 13.04 -4.09
N GLY B 16 -17.21 12.80 -4.01
CA GLY B 16 -17.87 12.96 -2.74
C GLY B 16 -18.34 14.36 -2.52
N ALA B 17 -19.37 14.52 -1.72
CA ALA B 17 -19.84 15.86 -1.42
C ALA B 17 -20.23 15.98 0.06
N TYR B 18 -19.54 16.83 0.84
CA TYR B 18 -20.00 17.18 2.17
C TYR B 18 -20.97 18.34 2.00
N ILE B 19 -22.17 18.23 2.53
CA ILE B 19 -23.13 19.33 2.41
C ILE B 19 -23.60 19.76 3.80
N ASP B 20 -23.57 21.06 4.07
CA ASP B 20 -24.11 21.63 5.31
C ASP B 20 -25.61 21.30 5.35
N HIS B 21 -26.12 20.99 6.53
CA HIS B 21 -27.51 20.57 6.70
C HIS B 21 -28.52 21.58 6.23
N ARG B 22 -28.20 22.85 6.41
CA ARG B 22 -29.09 23.93 6.05
C ARG B 22 -29.10 24.08 4.55
N ASP B 23 -27.94 23.90 3.92
CA ASP B 23 -27.87 23.97 2.46
C ASP B 23 -28.58 22.77 1.81
N PHE B 24 -28.48 21.59 2.46
CA PHE B 24 -29.16 20.37 2.01
C PHE B 24 -30.68 20.50 2.05
N LEU B 25 -31.19 20.87 3.22
CA LEU B 25 -32.62 21.05 3.46
C LEU B 25 -33.24 22.15 2.58
N GLU B 26 -32.47 23.20 2.28
CA GLU B 26 -32.95 24.23 1.36
C GLU B 26 -32.83 23.82 -0.12
N ALA B 27 -32.07 22.77 -0.41
CA ALA B 27 -31.94 22.37 -1.79
C ALA B 27 -33.12 21.57 -2.33
N LYS B 28 -33.39 21.81 -3.59
CA LYS B 28 -34.36 21.01 -4.32
C LYS B 28 -33.80 19.60 -4.48
N THR B 29 -34.71 18.64 -4.38
CA THR B 29 -34.43 17.22 -4.56
C THR B 29 -33.56 16.94 -5.80
N GLU B 30 -33.96 17.51 -6.92
CA GLU B 30 -33.30 17.44 -8.20
C GLU B 30 -31.83 17.89 -8.22
N THR B 31 -31.51 18.93 -7.43
CA THR B 31 -30.15 19.44 -7.32
C THR B 31 -29.21 18.43 -6.65
N ILE B 32 -29.71 17.69 -5.66
CA ILE B 32 -28.91 16.70 -4.96
C ILE B 32 -28.85 15.42 -5.78
N LYS B 33 -29.97 15.00 -6.34
CA LYS B 33 -30.02 13.84 -7.24
C LYS B 33 -29.07 13.98 -8.43
N ASN B 34 -29.04 15.17 -9.04
CA ASN B 34 -28.06 15.49 -10.07
C ASN B 34 -26.64 15.40 -9.55
N LEU B 35 -26.38 15.96 -8.37
CA LEU B 35 -25.01 15.99 -7.83
C LEU B 35 -24.47 14.59 -7.50
N LEU B 36 -25.34 13.72 -7.00
CA LEU B 36 -25.01 12.32 -6.68
C LEU B 36 -24.45 11.56 -7.86
N ARG B 38 -22.48 12.51 -10.31
CA ARG B 38 -21.06 12.70 -10.52
C ARG B 38 -20.24 12.70 -9.21
N GLN B 39 -20.88 12.95 -8.06
CA GLN B 39 -20.10 12.91 -6.81
C GLN B 39 -20.17 11.60 -6.11
N GLY B 40 -21.04 10.71 -6.52
CA GLY B 40 -21.15 9.38 -5.93
C GLY B 40 -21.90 9.29 -4.64
N PHE B 41 -21.55 10.15 -3.70
CA PHE B 41 -22.16 10.12 -2.40
C PHE B 41 -22.20 11.49 -1.79
N VAL B 42 -23.19 11.70 -0.95
CA VAL B 42 -23.39 12.94 -0.27
C VAL B 42 -23.40 12.64 1.23
N VAL B 43 -22.68 13.48 2.01
CA VAL B 43 -22.59 13.34 3.45
C VAL B 43 -23.11 14.62 4.10
N VAL B 44 -24.13 14.48 4.93
CA VAL B 44 -24.70 15.62 5.63
C VAL B 44 -24.67 15.30 7.14
N LYS B 45 -24.20 16.21 7.99
CA LYS B 45 -24.21 15.95 9.44
C LYS B 45 -25.17 16.90 10.10
N ASN B 46 -25.49 16.62 11.38
CA ASN B 46 -26.42 17.40 12.21
C ASN B 46 -27.78 17.66 11.60
N LEU B 47 -28.38 16.62 11.04
CA LEU B 47 -29.72 16.71 10.52
C LEU B 47 -30.56 16.01 11.57
N ASP B 48 -31.44 16.70 12.29
CA ASP B 48 -32.22 16.04 13.35
C ASP B 48 -33.60 15.83 12.82
N ILE B 49 -33.83 14.68 12.22
CA ILE B 49 -35.17 14.38 11.72
C ILE B 49 -35.71 13.06 12.29
N ASP B 50 -36.99 12.83 12.05
CA ASP B 50 -37.61 11.56 12.42
C ASP B 50 -37.86 10.75 11.15
N SER B 51 -38.28 9.50 11.33
CA SER B 51 -38.44 8.53 10.23
C SER B 51 -39.42 8.91 9.12
N ASP B 52 -40.43 9.70 9.48
CA ASP B 52 -41.40 10.22 8.55
C ASP B 52 -40.81 11.31 7.68
N THR B 53 -39.98 12.16 8.27
CA THR B 53 -39.34 13.26 7.57
C THR B 53 -38.28 12.67 6.65
N PHE B 54 -37.58 11.64 7.15
CA PHE B 54 -36.58 10.88 6.41
C PHE B 54 -37.24 10.28 5.19
N ARG B 55 -38.44 9.76 5.39
CA ARG B 55 -39.24 9.24 4.30
C ARG B 55 -39.65 10.30 3.29
N ASP B 56 -40.11 11.48 3.75
CA ASP B 56 -40.43 12.60 2.85
C ASP B 56 -39.21 13.09 2.05
N ILE B 57 -38.03 13.09 2.68
CA ILE B 57 -36.82 13.45 1.96
C ILE B 57 -36.48 12.42 0.86
N TYR B 58 -36.37 11.14 1.20
CA TYR B 58 -35.98 10.15 0.20
C TYR B 58 -36.97 9.80 -0.93
N SER B 59 -38.26 9.76 -0.60
CA SER B 59 -39.31 9.37 -1.54
C SER B 59 -39.47 10.34 -2.69
N ALA B 60 -39.06 11.60 -2.50
CA ALA B 60 -39.08 12.58 -3.59
C ALA B 60 -38.09 12.28 -4.73
N TYR B 61 -37.10 11.41 -4.49
CA TYR B 61 -36.05 11.14 -5.47
C TYR B 61 -36.44 10.12 -6.56
N GLY B 62 -37.57 9.46 -6.40
CA GLY B 62 -38.00 8.48 -7.37
C GLY B 62 -39.09 7.55 -6.83
N THR B 63 -39.17 6.37 -7.41
CA THR B 63 -40.16 5.42 -6.97
C THR B 63 -39.47 4.67 -5.89
N ILE B 64 -40.15 4.47 -4.77
CA ILE B 64 -39.63 3.72 -3.64
C ILE B 64 -39.41 2.26 -4.02
N VAL B 65 -38.20 1.78 -3.82
CA VAL B 65 -37.91 0.37 -3.98
C VAL B 65 -38.13 -0.25 -2.61
N GLU B 66 -39.01 -1.23 -2.57
CA GLU B 66 -39.40 -1.91 -1.36
C GLU B 66 -38.41 -2.94 -0.96
N TYR B 67 -38.11 -2.98 0.34
CA TYR B 67 -37.23 -4.01 0.86
C TYR B 67 -37.88 -5.39 0.82
N GLY B 73 -47.87 -12.88 -2.68
CA GLY B 73 -46.84 -12.41 -1.76
C GLY B 73 -45.87 -11.33 -2.29
N VAL B 74 -46.42 -10.30 -2.97
CA VAL B 74 -45.62 -9.20 -3.55
C VAL B 74 -45.73 -7.82 -2.86
N GLY B 75 -45.57 -6.72 -3.61
CA GLY B 75 -45.52 -5.42 -2.95
C GLY B 75 -46.61 -4.38 -3.09
N PHE B 76 -46.92 -3.66 -2.00
CA PHE B 76 -47.95 -2.61 -2.05
C PHE B 76 -47.48 -1.24 -1.53
N GLY B 77 -46.17 -1.04 -1.54
CA GLY B 77 -45.59 0.23 -1.14
C GLY B 77 -45.42 0.44 0.35
N TYR B 78 -45.66 -0.59 1.17
CA TYR B 78 -45.60 -0.45 2.64
C TYR B 78 -44.22 -0.73 3.22
N ARG B 79 -43.48 -1.65 2.61
CA ARG B 79 -42.14 -1.95 3.05
C ARG B 79 -41.13 -0.92 2.49
N ASP B 80 -41.19 0.32 2.98
CA ASP B 80 -40.35 1.38 2.47
C ASP B 80 -39.05 1.57 3.27
N THR B 81 -39.17 1.92 4.53
CA THR B 81 -38.01 2.21 5.32
C THR B 81 -37.48 0.99 6.07
N LEU B 82 -36.26 0.58 5.75
CA LEU B 82 -35.65 -0.52 6.48
C LEU B 82 -34.89 -0.01 7.70
N LYS B 83 -35.19 -0.60 8.84
CA LYS B 83 -34.46 -0.29 10.05
C LYS B 83 -33.31 -1.29 10.31
N LEU B 84 -32.08 -0.83 10.15
CA LEU B 84 -30.90 -1.64 10.38
C LEU B 84 -30.51 -1.30 11.81
N GLU B 85 -30.85 -2.16 12.75
CA GLU B 85 -30.68 -1.82 14.16
C GLU B 85 -29.76 -2.77 14.87
N GLY B 86 -29.08 -3.63 14.12
CA GLY B 86 -28.13 -4.57 14.68
C GLY B 86 -28.79 -5.63 15.52
N GLU B 87 -29.76 -6.29 14.91
CA GLU B 87 -30.53 -7.33 15.54
C GLU B 87 -29.74 -8.61 15.51
N LYS B 88 -29.57 -9.25 16.68
CA LYS B 88 -28.87 -10.54 16.82
C LYS B 88 -29.47 -11.65 15.96
N GLY B 89 -28.61 -12.47 15.36
CA GLY B 89 -29.04 -13.60 14.55
C GLY B 89 -29.54 -13.26 13.15
N LYS B 90 -29.19 -12.06 12.69
CA LYS B 90 -29.56 -11.60 11.36
C LYS B 90 -28.30 -11.22 10.59
N ILE B 91 -28.40 -11.16 9.26
CA ILE B 91 -27.21 -10.76 8.54
C ILE B 91 -27.27 -9.31 8.11
N VAL B 92 -28.15 -8.98 7.17
CA VAL B 92 -28.32 -7.62 6.64
C VAL B 92 -28.68 -6.62 7.75
N THR B 93 -29.63 -7.00 8.60
CA THR B 93 -29.98 -6.14 9.73
C THR B 93 -29.28 -6.56 10.98
N GLY B 94 -28.19 -7.32 10.82
CA GLY B 94 -27.41 -7.84 11.93
C GLY B 94 -26.22 -6.98 12.27
N ARG B 95 -25.21 -7.62 12.85
CA ARG B 95 -24.11 -6.90 13.44
C ARG B 95 -22.75 -7.14 12.84
N GLY B 96 -22.67 -7.97 11.81
CA GLY B 96 -21.41 -8.30 11.21
C GLY B 96 -21.15 -7.49 9.96
N GLN B 97 -20.10 -7.88 9.26
CA GLN B 97 -19.71 -7.26 8.03
C GLN B 97 -20.70 -7.45 6.91
N LEU B 98 -20.91 -6.42 6.10
CA LEU B 98 -21.58 -6.63 4.85
C LEU B 98 -20.50 -6.22 3.87
N PRO B 99 -19.89 -7.15 3.13
CA PRO B 99 -18.76 -6.84 2.25
C PRO B 99 -19.23 -6.13 1.00
N PHE B 100 -18.26 -5.71 0.18
CA PHE B 100 -18.51 -4.91 -1.00
C PHE B 100 -19.62 -5.46 -1.86
N HIS B 101 -20.59 -4.59 -2.09
CA HIS B 101 -21.76 -4.85 -2.92
C HIS B 101 -22.36 -3.55 -3.32
N ALA B 102 -23.29 -3.61 -4.27
CA ALA B 102 -24.21 -2.50 -4.57
C ALA B 102 -25.60 -3.00 -4.22
N ASP B 103 -26.52 -2.12 -3.91
CA ASP B 103 -27.88 -2.56 -3.59
C ASP B 103 -28.75 -2.90 -4.79
N GLY B 104 -29.85 -3.60 -4.49
CA GLY B 104 -30.79 -4.02 -5.49
C GLY B 104 -30.31 -5.09 -6.45
N GLY B 105 -30.99 -5.10 -7.60
CA GLY B 105 -30.70 -6.03 -8.65
C GLY B 105 -30.87 -5.39 -10.00
N LEU B 106 -31.52 -6.08 -10.92
CA LEU B 106 -31.45 -5.59 -12.28
C LEU B 106 -32.64 -4.99 -13.01
N LEU B 107 -33.79 -5.64 -13.15
CA LEU B 107 -34.78 -4.91 -14.01
C LEU B 107 -35.72 -4.06 -13.17
N LEU B 108 -36.70 -4.62 -12.46
CA LEU B 108 -37.52 -3.73 -11.62
C LEU B 108 -36.99 -3.68 -10.20
N SER B 109 -36.01 -4.52 -9.94
CA SER B 109 -35.42 -4.55 -8.66
C SER B 109 -34.17 -3.67 -8.60
N GLN B 110 -33.97 -2.83 -9.60
CA GLN B 110 -32.86 -1.92 -9.62
C GLN B 110 -33.02 -0.78 -8.60
N VAL B 111 -31.88 -0.39 -8.05
CA VAL B 111 -31.82 0.69 -7.08
C VAL B 111 -30.88 1.78 -7.63
N ASP B 112 -31.34 3.01 -7.66
CA ASP B 112 -30.52 4.12 -8.09
C ASP B 112 -29.91 4.90 -6.89
N GLN B 113 -30.71 5.16 -5.88
CA GLN B 113 -30.19 5.93 -4.75
C GLN B 113 -30.46 5.22 -3.45
N VAL B 114 -29.48 5.27 -2.57
CA VAL B 114 -29.60 4.66 -1.24
C VAL B 114 -29.40 5.76 -0.23
N PHE B 115 -30.19 5.75 0.84
CA PHE B 115 -30.20 6.77 1.86
C PHE B 115 -30.03 6.03 3.13
N LEU B 116 -29.10 6.48 3.96
CA LEU B 116 -28.87 5.87 5.28
C LEU B 116 -28.81 6.99 6.29
N TYR B 117 -29.69 6.93 7.28
CA TYR B 117 -29.80 7.97 8.29
C TYR B 117 -29.52 7.40 9.64
N ALA B 118 -28.70 8.08 10.42
CA ALA B 118 -28.41 7.54 11.71
C ALA B 118 -29.38 8.02 12.81
N ALA B 119 -30.23 7.11 13.26
CA ALA B 119 -31.17 7.47 14.30
C ALA B 119 -30.55 7.43 15.69
N GLU B 120 -29.70 6.45 15.97
CA GLU B 120 -29.11 6.34 17.30
C GLU B 120 -27.79 5.60 17.21
N ILE B 121 -26.71 6.27 17.62
CA ILE B 121 -25.39 5.72 17.64
C ILE B 121 -24.77 5.87 19.04
N LYS B 122 -24.43 4.78 19.72
CA LYS B 122 -23.81 4.85 21.07
C LYS B 122 -22.70 3.82 21.21
N ASN B 123 -21.67 4.19 21.99
CA ASN B 123 -20.47 3.38 22.30
C ASN B 123 -19.66 2.85 21.12
N VAL B 124 -19.66 3.58 20.01
CA VAL B 124 -18.89 3.16 18.89
C VAL B 124 -18.20 4.37 18.24
N LYS B 125 -16.88 4.25 18.12
CA LYS B 125 -16.06 5.33 17.60
C LYS B 125 -15.14 4.89 16.42
N PHE B 126 -14.83 3.59 16.37
CA PHE B 126 -13.95 3.05 15.35
C PHE B 126 -14.31 1.66 14.86
N ARG B 127 -15.59 1.35 14.86
CA ARG B 127 -16.10 0.11 14.30
C ARG B 127 -17.38 0.46 13.58
N GLY B 128 -17.98 -0.49 12.89
CA GLY B 128 -19.26 -0.26 12.22
C GLY B 128 -19.42 0.81 11.15
N ALA B 129 -18.34 1.19 10.49
CA ALA B 129 -18.42 2.17 9.40
C ALA B 129 -19.17 1.65 8.20
N THR B 130 -19.87 2.57 7.53
CA THR B 130 -20.38 2.31 6.21
C THR B 130 -19.28 2.84 5.32
N THR B 131 -18.80 2.05 4.39
CA THR B 131 -17.73 2.59 3.58
C THR B 131 -18.16 2.69 2.16
N VAL B 132 -17.51 3.54 1.37
CA VAL B 132 -17.93 3.84 -0.02
C VAL B 132 -16.72 3.84 -1.01
N CYS B 133 -16.84 3.14 -2.14
CA CYS B 133 -15.76 3.03 -3.12
C CYS B 133 -16.08 3.66 -4.47
N ASP B 134 -15.19 4.53 -4.94
CA ASP B 134 -15.28 5.14 -6.24
C ASP B 134 -14.78 4.10 -7.26
N HIS B 135 -15.70 3.28 -7.75
CA HIS B 135 -15.37 2.21 -8.64
C HIS B 135 -14.97 2.60 -10.04
N ALA B 136 -15.47 3.72 -10.53
CA ALA B 136 -15.10 4.08 -11.90
C ALA B 136 -13.64 4.59 -11.97
N LEU B 137 -13.21 5.38 -11.00
CA LEU B 137 -11.81 5.82 -10.96
C LEU B 137 -10.93 4.59 -10.67
N ALA B 138 -11.41 3.70 -9.79
CA ALA B 138 -10.64 2.50 -9.49
C ALA B 138 -10.46 1.60 -10.71
N CYS B 139 -11.51 1.37 -11.50
CA CYS B 139 -11.42 0.55 -12.71
C CYS B 139 -10.58 1.17 -13.81
N GLN B 140 -10.57 2.47 -13.88
CA GLN B 140 -9.73 3.20 -14.79
C GLN B 140 -8.25 3.10 -14.39
N GLU B 141 -7.93 2.86 -13.11
CA GLU B 141 -6.55 2.94 -12.69
C GLU B 141 -5.89 1.62 -12.27
N PRO B 143 -4.49 -2.30 -12.15
CA PRO B 143 -3.71 -3.11 -13.10
C PRO B 143 -4.69 -3.87 -13.96
N ALA B 144 -4.40 -3.85 -15.26
CA ALA B 144 -5.17 -4.53 -16.28
C ALA B 144 -5.49 -6.00 -15.96
N HIS B 145 -4.63 -6.69 -15.21
CA HIS B 145 -4.91 -8.06 -14.82
C HIS B 145 -6.14 -8.16 -13.88
N LEU B 146 -6.36 -7.14 -13.04
CA LEU B 146 -7.59 -7.08 -12.23
C LEU B 146 -8.82 -6.71 -13.03
N LEU B 147 -8.71 -5.66 -13.86
CA LEU B 147 -9.81 -5.21 -14.74
C LEU B 147 -10.28 -6.29 -15.77
N ARG B 148 -9.34 -7.05 -16.31
CA ARG B 148 -9.65 -8.09 -17.26
C ARG B 148 -10.59 -9.16 -16.69
N VAL B 149 -10.45 -9.47 -15.40
CA VAL B 149 -11.31 -10.46 -14.77
C VAL B 149 -12.73 -9.92 -14.60
N LEU B 150 -12.82 -8.68 -14.18
CA LEU B 150 -14.10 -8.03 -14.03
C LEU B 150 -14.81 -7.84 -15.37
N GLU B 151 -14.04 -7.67 -16.44
CA GLU B 151 -14.62 -7.42 -17.73
C GLU B 151 -14.99 -8.66 -18.50
N GLU B 152 -14.25 -9.75 -18.30
CA GLU B 152 -14.37 -10.90 -19.19
C GLU B 152 -14.81 -12.17 -18.52
N GLU B 153 -14.91 -12.19 -17.19
CA GLU B 153 -15.28 -13.45 -16.60
C GLU B 153 -16.69 -13.47 -16.09
N THR B 154 -17.22 -14.67 -15.93
CA THR B 154 -18.58 -14.80 -15.44
C THR B 154 -18.57 -15.00 -13.94
N PHE B 155 -19.21 -14.06 -13.25
CA PHE B 155 -19.27 -14.04 -11.81
C PHE B 155 -20.61 -14.54 -11.45
N GLU B 156 -20.64 -15.48 -10.52
CA GLU B 156 -21.91 -16.02 -10.06
C GLU B 156 -22.02 -15.93 -8.57
N VAL B 157 -23.26 -15.86 -8.07
CA VAL B 157 -23.55 -15.67 -6.65
C VAL B 157 -24.62 -16.70 -6.20
N ARG B 158 -24.56 -17.10 -4.93
CA ARG B 158 -25.47 -18.05 -4.31
C ARG B 158 -25.95 -17.42 -3.00
N VAL B 159 -27.22 -17.59 -2.65
CA VAL B 159 -27.72 -17.07 -1.40
C VAL B 159 -27.56 -18.14 -0.34
N LEU B 160 -26.84 -17.85 0.74
CA LEU B 160 -26.67 -18.86 1.79
C LEU B 160 -27.87 -19.05 2.76
N ASP B 171 -26.95 -25.16 -8.62
CA ASP B 171 -28.12 -24.55 -9.29
C ASP B 171 -28.82 -23.51 -8.41
N GLY B 172 -28.21 -23.23 -7.23
CA GLY B 172 -28.58 -22.10 -6.40
C GLY B 172 -27.80 -20.87 -6.93
N TRP B 173 -26.85 -21.14 -7.83
CA TRP B 173 -25.97 -20.17 -8.40
C TRP B 173 -26.56 -19.41 -9.57
N PHE B 174 -26.37 -18.11 -9.57
CA PHE B 174 -26.90 -17.28 -10.63
C PHE B 174 -25.88 -16.23 -11.05
N LYS B 175 -25.95 -15.82 -12.31
CA LYS B 175 -25.02 -14.86 -12.87
C LYS B 175 -25.30 -13.38 -12.44
N VAL B 176 -24.26 -12.63 -12.05
CA VAL B 176 -24.41 -11.20 -11.74
C VAL B 176 -23.49 -10.45 -12.67
N PRO B 177 -24.04 -9.66 -13.57
CA PRO B 177 -23.22 -8.94 -14.54
C PRO B 177 -22.48 -7.83 -13.81
N VAL B 178 -21.15 -7.86 -13.94
CA VAL B 178 -20.30 -6.94 -13.22
C VAL B 178 -20.55 -5.54 -13.73
N PHE B 179 -20.58 -5.38 -15.04
CA PHE B 179 -20.76 -4.07 -15.57
C PHE B 179 -22.01 -3.96 -16.41
N THR B 180 -22.88 -3.00 -16.07
CA THR B 180 -24.00 -2.60 -16.90
C THR B 180 -23.71 -1.18 -17.36
N ASP B 181 -23.47 -1.03 -18.64
CA ASP B 181 -23.07 0.23 -19.21
C ASP B 181 -24.26 1.21 -19.41
N LEU B 182 -24.31 2.22 -18.54
CA LEU B 182 -25.29 3.28 -18.63
C LEU B 182 -24.75 4.46 -19.40
N GLY B 183 -23.55 4.33 -19.95
CA GLY B 183 -22.98 5.45 -20.68
C GLY B 183 -22.13 6.32 -19.82
N TRP B 184 -22.79 7.05 -18.93
CA TRP B 184 -22.11 7.96 -18.01
C TRP B 184 -21.34 7.25 -16.95
N VAL B 185 -21.79 6.04 -16.63
CA VAL B 185 -21.04 5.15 -15.76
C VAL B 185 -21.32 3.68 -16.16
N ARG B 186 -20.37 2.79 -15.91
CA ARG B 186 -20.66 1.40 -15.99
C ARG B 186 -21.10 1.05 -14.56
N LYS B 187 -22.40 0.92 -14.40
CA LYS B 187 -23.03 0.48 -13.16
C LYS B 187 -22.47 -0.89 -12.75
N LEU B 189 -22.37 -4.21 -10.28
CA LEU B 189 -23.01 -5.14 -9.38
C LEU B 189 -21.98 -6.24 -9.09
N ILE B 190 -21.67 -6.48 -7.83
CA ILE B 190 -20.63 -7.47 -7.46
C ILE B 190 -20.93 -7.91 -6.01
N TYR B 191 -20.52 -9.07 -5.57
CA TYR B 191 -20.83 -9.41 -4.19
C TYR B 191 -19.56 -10.07 -3.70
N PHE B 192 -18.75 -9.33 -2.96
CA PHE B 192 -17.51 -9.83 -2.38
C PHE B 192 -17.83 -10.94 -1.31
N PRO B 193 -16.91 -11.87 -1.07
CA PRO B 193 -17.13 -12.87 -0.03
C PRO B 193 -17.02 -12.23 1.33
N PHE B 194 -17.87 -12.65 2.24
CA PHE B 194 -17.80 -12.21 3.63
C PHE B 194 -16.52 -12.79 4.18
N ASP B 195 -15.78 -11.97 4.95
CA ASP B 195 -14.59 -12.44 5.70
C ASP B 195 -14.90 -13.62 6.61
N GLU B 196 -13.89 -14.46 6.82
CA GLU B 196 -13.95 -15.62 7.70
C GLU B 196 -14.40 -15.24 9.11
N GLY B 197 -15.45 -15.90 9.60
CA GLY B 197 -15.96 -15.62 10.93
C GLY B 197 -17.21 -14.76 10.87
N GLN B 198 -17.41 -14.07 9.75
CA GLN B 198 -18.62 -13.28 9.62
C GLN B 198 -19.76 -14.12 9.02
N PRO B 199 -20.97 -13.96 9.57
CA PRO B 199 -22.17 -14.63 9.07
C PRO B 199 -22.46 -14.18 7.65
N ALA B 200 -22.47 -15.13 6.73
CA ALA B 200 -22.64 -14.77 5.34
C ALA B 200 -24.05 -14.98 4.82
N SER B 201 -24.56 -14.03 4.05
CA SER B 201 -25.88 -14.23 3.44
C SER B 201 -25.74 -14.51 1.98
N TRP B 202 -24.51 -14.33 1.47
CA TRP B 202 -24.22 -14.70 0.10
C TRP B 202 -22.87 -15.34 -0.09
N GLU B 203 -22.66 -15.94 -1.24
CA GLU B 203 -21.35 -16.48 -1.55
C GLU B 203 -21.07 -16.31 -3.06
N PRO B 204 -19.94 -15.68 -3.43
CA PRO B 204 -19.55 -15.54 -4.84
C PRO B 204 -18.70 -16.67 -5.34
N ARG B 205 -18.63 -16.78 -6.66
CA ARG B 205 -17.69 -17.66 -7.35
C ARG B 205 -17.45 -17.08 -8.73
N ILE B 206 -16.33 -17.48 -9.35
CA ILE B 206 -16.04 -17.07 -10.70
C ILE B 206 -15.92 -18.35 -11.53
N VAL B 207 -16.67 -18.40 -12.65
CA VAL B 207 -16.70 -19.60 -13.51
C VAL B 207 -15.37 -19.86 -14.14
N GLY B 208 -14.84 -21.04 -13.87
CA GLY B 208 -13.58 -21.44 -14.44
C GLY B 208 -12.43 -21.08 -13.55
N PHE B 209 -12.69 -20.40 -12.44
CA PHE B 209 -11.66 -20.08 -11.47
C PHE B 209 -11.79 -21.10 -10.37
N THR B 210 -10.69 -21.49 -9.75
CA THR B 210 -10.85 -22.38 -8.58
C THR B 210 -11.10 -21.50 -7.38
N ASP B 211 -11.37 -22.15 -6.25
CA ASP B 211 -11.65 -21.47 -4.98
C ASP B 211 -10.45 -20.66 -4.51
N HIS B 212 -9.25 -21.18 -4.78
CA HIS B 212 -8.01 -20.55 -4.43
C HIS B 212 -7.86 -19.27 -5.25
N GLU B 213 -8.11 -19.38 -6.54
CA GLU B 213 -7.96 -18.28 -7.47
C GLU B 213 -8.96 -17.15 -7.17
N THR B 214 -10.21 -17.54 -6.91
CA THR B 214 -11.29 -16.64 -6.56
C THR B 214 -11.03 -15.90 -5.28
N GLN B 215 -10.57 -16.65 -4.27
CA GLN B 215 -10.21 -16.08 -2.99
C GLN B 215 -9.07 -15.06 -3.13
N ALA B 216 -8.05 -15.41 -3.90
CA ALA B 216 -6.92 -14.52 -4.12
C ALA B 216 -7.30 -13.29 -4.95
N PHE B 217 -8.24 -13.47 -5.89
CA PHE B 217 -8.70 -12.37 -6.74
C PHE B 217 -9.38 -11.32 -5.88
N PHE B 218 -10.38 -11.76 -5.13
CA PHE B 218 -11.15 -10.92 -4.25
C PHE B 218 -10.32 -10.19 -3.18
N GLN B 219 -9.33 -10.86 -2.61
CA GLN B 219 -8.43 -10.27 -1.66
C GLN B 219 -7.60 -9.14 -2.34
N GLU B 220 -7.12 -9.39 -3.54
CA GLU B 220 -6.26 -8.40 -4.18
C GLU B 220 -7.07 -7.21 -4.70
N LEU B 221 -8.26 -7.47 -5.28
CA LEU B 221 -9.17 -6.42 -5.71
C LEU B 221 -9.66 -5.57 -4.55
N GLY B 222 -10.05 -6.24 -3.45
CA GLY B 222 -10.47 -5.60 -2.22
C GLY B 222 -9.40 -4.67 -1.66
N ALA B 223 -8.15 -5.11 -1.66
CA ALA B 223 -7.04 -4.27 -1.21
C ALA B 223 -6.88 -3.03 -2.11
N PHE B 224 -7.07 -3.22 -3.42
CA PHE B 224 -6.95 -2.14 -4.37
C PHE B 224 -8.05 -1.10 -4.20
N LEU B 225 -9.27 -1.58 -4.02
CA LEU B 225 -10.44 -0.73 -3.91
C LEU B 225 -10.47 0.03 -2.61
N LYS B 226 -9.76 -0.47 -1.60
CA LYS B 226 -9.72 0.17 -0.30
C LYS B 226 -8.58 1.18 -0.11
N GLN B 227 -7.83 1.44 -1.15
CA GLN B 227 -6.82 2.47 -1.05
C GLN B 227 -7.55 3.84 -0.93
N PRO B 228 -7.05 4.73 -0.06
CA PRO B 228 -7.71 6.02 0.24
C PRO B 228 -8.09 6.91 -0.95
N ARG B 229 -7.43 6.79 -2.11
CA ARG B 229 -7.83 7.51 -3.31
C ARG B 229 -9.25 7.12 -3.77
N TYR B 230 -9.68 5.91 -3.48
CA TYR B 230 -11.01 5.45 -3.91
C TYR B 230 -12.00 5.19 -2.79
N TYR B 231 -11.50 5.00 -1.58
CA TYR B 231 -12.26 4.53 -0.41
C TYR B 231 -12.60 5.59 0.62
N TYR B 232 -13.86 5.68 1.00
CA TYR B 232 -14.24 6.59 2.08
C TYR B 232 -14.84 5.79 3.19
N LYS B 233 -14.36 5.95 4.43
CA LYS B 233 -14.98 5.29 5.61
C LYS B 233 -15.90 6.24 6.41
N HIS B 234 -17.15 5.87 6.65
CA HIS B 234 -18.02 6.75 7.42
C HIS B 234 -18.27 6.30 8.83
N PHE B 235 -17.72 6.97 9.84
CA PHE B 235 -18.00 6.55 11.22
C PHE B 235 -19.20 7.31 11.67
N TRP B 236 -20.23 6.56 12.03
CA TRP B 236 -21.52 7.10 12.32
C TRP B 236 -21.71 7.95 13.58
N GLU B 237 -22.47 9.04 13.47
CA GLU B 237 -22.96 9.81 14.64
C GLU B 237 -24.45 10.14 14.41
N ASP B 238 -25.17 10.36 15.50
CA ASP B 238 -26.58 10.80 15.50
C ASP B 238 -26.78 11.96 14.56
N GLY B 239 -27.78 11.86 13.70
CA GLY B 239 -28.00 12.93 12.79
C GLY B 239 -27.30 12.90 11.45
N ASP B 240 -26.35 11.98 11.24
CA ASP B 240 -25.71 11.86 9.94
C ASP B 240 -26.70 11.32 8.89
N LEU B 241 -26.63 11.87 7.67
CA LEU B 241 -27.36 11.32 6.52
C LEU B 241 -26.31 11.00 5.41
N LEU B 242 -26.27 9.74 4.97
CA LEU B 242 -25.38 9.29 3.90
C LEU B 242 -26.23 8.89 2.73
N ILE B 243 -26.14 9.63 1.64
CA ILE B 243 -26.84 9.26 0.44
C ILE B 243 -25.84 8.78 -0.60
N ASP B 245 -25.26 7.28 -4.74
CA ASP B 245 -25.76 6.90 -6.04
C ASP B 245 -25.27 5.46 -6.20
N ASN B 246 -26.24 4.56 -6.16
CA ASN B 246 -26.00 3.13 -6.23
C ASN B 246 -25.37 2.66 -7.52
N ARG B 247 -25.49 3.39 -8.62
CA ARG B 247 -24.80 2.96 -9.82
C ARG B 247 -23.35 3.47 -9.87
N ARG B 248 -23.01 4.41 -9.02
CA ARG B 248 -21.76 5.07 -9.19
C ARG B 248 -20.76 4.61 -8.15
N VAL B 249 -21.23 4.05 -7.05
CA VAL B 249 -20.32 3.54 -6.05
C VAL B 249 -20.73 2.16 -5.65
N ILE B 250 -19.86 1.46 -4.94
CA ILE B 250 -20.22 0.25 -4.24
C ILE B 250 -19.88 0.49 -2.80
N HIS B 251 -20.45 -0.29 -1.91
CA HIS B 251 -20.27 -0.01 -0.52
C HIS B 251 -20.21 -1.23 0.36
N GLU B 252 -19.89 -0.97 1.61
CA GLU B 252 -19.68 -2.04 2.56
C GLU B 252 -20.02 -1.60 3.97
N ARG B 253 -20.46 -2.52 4.83
CA ARG B 253 -20.55 -2.23 6.25
C ARG B 253 -19.45 -2.97 7.00
N GLU B 254 -18.63 -2.29 7.79
CA GLU B 254 -17.68 -3.01 8.63
C GLU B 254 -18.41 -3.52 9.87
N GLU B 255 -17.86 -4.58 10.43
CA GLU B 255 -18.41 -5.24 11.58
C GLU B 255 -18.53 -4.35 12.81
N PHE B 256 -19.49 -4.67 13.66
CA PHE B 256 -19.66 -3.95 14.91
C PHE B 256 -20.05 -4.95 15.97
N ASN B 257 -19.39 -6.10 16.00
CA ASN B 257 -19.78 -7.17 16.93
C ASN B 257 -19.30 -7.00 18.39
N ASP B 258 -19.83 -5.97 19.02
CA ASP B 258 -19.64 -5.69 20.44
C ASP B 258 -21.06 -5.40 20.89
N ASP B 259 -21.50 -6.08 21.94
CA ASP B 259 -22.87 -5.98 22.46
C ASP B 259 -23.22 -4.64 23.09
N ASP B 260 -22.20 -3.87 23.47
CA ASP B 260 -22.43 -2.56 24.04
C ASP B 260 -22.82 -1.48 23.01
N ILE B 261 -22.55 -1.74 21.72
CA ILE B 261 -22.84 -0.80 20.66
C ILE B 261 -24.31 -0.67 20.28
N VAL B 262 -24.79 0.58 20.24
CA VAL B 262 -26.10 0.84 19.71
C VAL B 262 -25.89 1.45 18.33
N ARG B 263 -26.41 0.80 17.29
CA ARG B 263 -26.26 1.32 15.97
C ARG B 263 -27.54 1.11 15.19
N ARG B 264 -28.35 2.17 15.15
CA ARG B 264 -29.62 2.12 14.43
C ARG B 264 -29.67 3.09 13.26
N LEU B 265 -29.66 2.52 12.07
CA LEU B 265 -29.84 3.32 10.88
C LEU B 265 -31.20 3.10 10.24
N TYR B 266 -31.68 4.12 9.53
CA TYR B 266 -32.87 3.93 8.70
C TYR B 266 -32.34 3.90 7.25
N ARG B 267 -32.88 3.01 6.42
CA ARG B 267 -32.48 2.84 5.05
C ARG B 267 -33.62 3.04 4.06
N GLY B 268 -33.37 3.85 3.04
CA GLY B 268 -34.32 4.09 1.97
C GLY B 268 -33.69 3.82 0.62
N GLN B 269 -34.46 3.27 -0.32
CA GLN B 269 -34.00 2.99 -1.68
C GLN B 269 -35.02 3.46 -2.72
N THR B 270 -34.54 4.23 -3.69
CA THR B 270 -35.37 4.69 -4.81
C THR B 270 -34.78 4.40 -6.17
N ALA B 271 -35.65 4.36 -7.18
CA ALA B 271 -35.22 4.23 -8.57
C ALA B 271 -36.18 4.92 -9.52
N ASP B 272 -35.70 5.23 -10.71
CA ASP B 272 -36.53 5.78 -11.79
C ASP B 272 -36.81 4.69 -12.81
N SER C 2 15.80 2.29 -39.64
CA SER C 2 15.09 2.79 -38.42
C SER C 2 13.60 2.81 -38.66
N GLU C 3 12.99 1.64 -38.61
CA GLU C 3 11.54 1.52 -38.78
C GLU C 3 10.81 1.74 -37.44
N ILE C 4 9.50 1.88 -37.52
CA ILE C 4 8.69 2.03 -36.32
C ILE C 4 7.60 0.92 -36.22
N VAL C 5 7.48 0.31 -35.05
CA VAL C 5 6.37 -0.59 -34.80
C VAL C 5 5.29 0.13 -33.97
N LYS C 6 4.02 -0.11 -34.31
CA LYS C 6 2.94 0.46 -33.54
C LYS C 6 2.84 -0.35 -32.25
N PHE C 7 2.62 0.35 -31.16
CA PHE C 7 2.53 -0.26 -29.84
C PHE C 7 1.72 0.56 -28.85
N ASN C 8 1.25 -0.09 -27.79
CA ASN C 8 0.63 0.62 -26.69
C ASN C 8 1.40 0.29 -25.42
N PRO C 9 1.59 1.27 -24.55
CA PRO C 9 2.35 1.04 -23.31
C PRO C 9 1.59 0.12 -22.36
N VAL C 10 2.32 -0.64 -21.58
CA VAL C 10 1.66 -1.56 -20.67
C VAL C 10 1.40 -0.88 -19.33
N ALA C 12 1.31 2.39 -16.68
CA ALA C 12 0.81 3.78 -16.67
C ALA C 12 1.96 4.77 -16.81
N SER C 13 3.17 4.32 -16.46
CA SER C 13 4.36 5.17 -16.58
C SER C 13 4.80 5.32 -18.02
N GLY C 14 4.30 4.45 -18.90
CA GLY C 14 4.69 4.46 -20.30
C GLY C 14 5.65 3.32 -20.63
N PHE C 15 6.09 2.57 -19.63
CA PHE C 15 6.92 1.38 -19.81
C PHE C 15 6.11 0.23 -20.35
N GLY C 16 6.79 -0.76 -20.94
CA GLY C 16 6.12 -1.92 -21.51
C GLY C 16 5.60 -1.70 -22.91
N ALA C 17 5.47 -2.76 -23.72
CA ALA C 17 4.87 -2.57 -25.02
C ALA C 17 3.88 -3.70 -25.43
N TYR C 18 2.60 -3.39 -25.60
CA TYR C 18 1.64 -4.36 -26.16
C TYR C 18 1.71 -4.14 -27.66
N ILE C 19 1.94 -5.20 -28.43
CA ILE C 19 2.04 -5.11 -29.90
C ILE C 19 1.09 -6.13 -30.46
N ASP C 20 0.30 -5.71 -31.44
CA ASP C 20 -0.61 -6.59 -32.15
C ASP C 20 0.22 -7.62 -32.92
N HIS C 21 -0.29 -8.85 -32.95
CA HIS C 21 0.34 -9.97 -33.59
C HIS C 21 0.69 -9.81 -35.03
N ARG C 22 -0.10 -9.06 -35.79
CA ARG C 22 0.26 -8.80 -37.19
C ARG C 22 1.39 -7.79 -37.28
N ASP C 23 1.28 -6.71 -36.52
CA ASP C 23 2.31 -5.68 -36.45
C ASP C 23 3.65 -6.25 -36.04
N PHE C 24 3.61 -7.18 -35.08
CA PHE C 24 4.80 -7.87 -34.64
C PHE C 24 5.45 -8.69 -35.74
N LEU C 25 4.64 -9.43 -36.52
CA LEU C 25 5.21 -10.30 -37.54
C LEU C 25 5.70 -9.57 -38.78
N GLU C 26 5.16 -8.37 -39.02
CA GLU C 26 5.58 -7.57 -40.17
C GLU C 26 6.83 -6.75 -39.84
N ALA C 27 7.07 -6.52 -38.56
CA ALA C 27 8.20 -5.75 -38.08
C ALA C 27 9.48 -6.52 -38.21
N LYS C 28 10.55 -5.77 -38.44
CA LYS C 28 11.88 -6.34 -38.50
C LYS C 28 12.32 -6.67 -37.09
N THR C 29 13.18 -7.69 -36.96
CA THR C 29 13.77 -8.10 -35.68
C THR C 29 14.39 -6.91 -34.90
N GLU C 30 15.18 -6.12 -35.62
CA GLU C 30 15.87 -4.96 -35.09
C GLU C 30 14.92 -3.86 -34.55
N THR C 31 13.72 -3.75 -35.11
CA THR C 31 12.77 -2.78 -34.63
C THR C 31 12.26 -3.16 -33.24
N ILE C 32 12.01 -4.47 -33.03
CA ILE C 32 11.52 -4.98 -31.76
C ILE C 32 12.65 -4.99 -30.75
N LYS C 33 13.84 -5.33 -31.22
CA LYS C 33 15.03 -5.40 -30.39
C LYS C 33 15.43 -4.04 -29.82
N ASN C 34 15.28 -3.01 -30.65
CA ASN C 34 15.49 -1.65 -30.23
C ASN C 34 14.44 -1.17 -29.22
N LEU C 35 13.18 -1.56 -29.42
CA LEU C 35 12.10 -1.06 -28.56
C LEU C 35 12.20 -1.69 -27.19
N LEU C 36 12.69 -2.94 -27.15
CA LEU C 36 12.88 -3.70 -25.94
C LEU C 36 13.83 -3.02 -24.96
N ARG C 38 14.30 0.25 -24.35
CA ARG C 38 13.64 1.27 -23.54
C ARG C 38 12.26 0.86 -22.98
N GLN C 39 11.61 -0.17 -23.51
CA GLN C 39 10.31 -0.55 -22.98
C GLN C 39 10.39 -1.74 -22.03
N GLY C 40 11.54 -2.42 -22.02
CA GLY C 40 11.77 -3.53 -21.11
C GLY C 40 11.16 -4.85 -21.53
N PHE C 41 9.92 -4.80 -21.96
CA PHE C 41 9.22 -6.01 -22.30
C PHE C 41 8.18 -5.80 -23.39
N VAL C 42 7.95 -6.85 -24.16
CA VAL C 42 6.96 -6.84 -25.22
C VAL C 42 5.93 -7.98 -24.98
N VAL C 43 4.65 -7.65 -25.14
CA VAL C 43 3.58 -8.59 -24.99
C VAL C 43 2.83 -8.71 -26.31
N VAL C 44 2.85 -9.91 -26.87
CA VAL C 44 2.07 -10.21 -28.06
C VAL C 44 1.02 -11.26 -27.69
N LYS C 45 -0.24 -11.05 -28.02
CA LYS C 45 -1.28 -12.06 -27.83
C LYS C 45 -1.72 -12.64 -29.18
N ASN C 46 -2.33 -13.81 -29.16
CA ASN C 46 -2.94 -14.48 -30.33
C ASN C 46 -2.02 -14.82 -31.47
N LEU C 47 -0.82 -15.24 -31.12
CA LEU C 47 0.18 -15.56 -32.13
C LEU C 47 0.21 -17.05 -32.22
N ASP C 48 -0.05 -17.61 -33.40
CA ASP C 48 -0.20 -19.04 -33.52
C ASP C 48 1.00 -19.67 -34.20
N ILE C 49 2.01 -20.03 -33.44
CA ILE C 49 3.20 -20.58 -34.04
C ILE C 49 3.59 -21.90 -33.40
N ASP C 50 4.40 -22.68 -34.10
CA ASP C 50 4.90 -23.93 -33.52
C ASP C 50 6.30 -23.68 -32.93
N SER C 51 6.98 -24.70 -32.42
CA SER C 51 8.27 -24.46 -31.80
C SER C 51 9.41 -24.10 -32.75
N ASP C 52 9.30 -24.49 -34.00
CA ASP C 52 10.32 -24.27 -35.02
C ASP C 52 10.30 -22.79 -35.44
N THR C 53 9.08 -22.26 -35.59
CA THR C 53 8.85 -20.87 -35.96
C THR C 53 9.30 -19.95 -34.82
N PHE C 54 9.07 -20.42 -33.58
CA PHE C 54 9.48 -19.74 -32.35
C PHE C 54 10.96 -19.54 -32.34
N ARG C 55 11.69 -20.64 -32.64
CA ARG C 55 13.14 -20.62 -32.77
C ARG C 55 13.61 -19.63 -33.83
N ASP C 56 12.96 -19.60 -34.97
CA ASP C 56 13.29 -18.70 -36.06
C ASP C 56 13.03 -17.24 -35.70
N ILE C 57 12.02 -16.97 -34.87
CA ILE C 57 11.79 -15.62 -34.42
C ILE C 57 12.85 -15.16 -33.43
N TYR C 58 13.09 -15.96 -32.39
CA TYR C 58 14.05 -15.54 -31.38
C TYR C 58 15.53 -15.58 -31.79
N SER C 59 15.94 -16.59 -32.56
CA SER C 59 17.35 -16.71 -32.99
C SER C 59 17.87 -15.55 -33.83
N ALA C 60 16.96 -14.77 -34.40
CA ALA C 60 17.37 -13.60 -35.14
C ALA C 60 17.88 -12.46 -34.22
N TYR C 61 17.62 -12.53 -32.92
CA TYR C 61 17.93 -11.42 -32.00
C TYR C 61 19.38 -11.41 -31.54
N GLY C 62 20.02 -12.55 -31.64
CA GLY C 62 21.44 -12.66 -31.41
C GLY C 62 21.93 -14.10 -31.40
N THR C 63 22.95 -14.35 -30.61
CA THR C 63 23.47 -15.67 -30.42
C THR C 63 22.67 -16.37 -29.33
N ILE C 64 22.19 -17.57 -29.63
CA ILE C 64 21.47 -18.40 -28.70
C ILE C 64 22.33 -18.83 -27.53
N VAL C 65 21.84 -18.53 -26.33
CA VAL C 65 22.45 -18.97 -25.12
C VAL C 65 21.77 -20.28 -24.79
N GLU C 66 22.54 -21.34 -24.88
CA GLU C 66 22.07 -22.69 -24.64
C GLU C 66 21.97 -23.02 -23.16
N TYR C 67 21.20 -24.08 -22.89
CA TYR C 67 21.06 -24.63 -21.54
C TYR C 67 21.53 -26.11 -21.53
N ALA C 68 21.87 -26.66 -20.35
CA ALA C 68 22.30 -28.07 -20.25
C ALA C 68 21.82 -28.82 -18.99
N ASP C 80 19.21 -25.15 -26.65
CA ASP C 80 18.44 -24.35 -27.60
C ASP C 80 17.17 -23.81 -26.90
N THR C 81 16.03 -24.38 -27.26
CA THR C 81 14.73 -24.01 -26.71
C THR C 81 14.40 -24.79 -25.43
N LEU C 82 14.19 -24.07 -24.31
CA LEU C 82 13.79 -24.74 -23.07
C LEU C 82 12.27 -24.98 -22.96
N LYS C 83 11.91 -26.20 -22.60
CA LYS C 83 10.51 -26.54 -22.38
C LYS C 83 10.15 -26.54 -20.88
N LEU C 84 9.47 -25.47 -20.47
CA LEU C 84 8.99 -25.31 -19.11
C LEU C 84 7.55 -25.80 -19.06
N GLU C 85 7.38 -27.07 -18.71
CA GLU C 85 6.08 -27.76 -18.77
C GLU C 85 5.48 -28.14 -17.42
N GLY C 86 6.07 -27.65 -16.33
CA GLY C 86 5.58 -27.93 -14.99
C GLY C 86 5.71 -29.37 -14.53
N GLU C 87 6.96 -29.82 -14.43
CA GLU C 87 7.27 -31.18 -14.04
C GLU C 87 7.32 -31.32 -12.51
N LYS C 88 6.63 -32.32 -11.98
CA LYS C 88 6.61 -32.62 -10.55
C LYS C 88 7.94 -33.27 -10.16
N GLY C 89 8.79 -32.53 -9.45
CA GLY C 89 10.08 -33.05 -9.04
C GLY C 89 11.20 -32.09 -9.37
N LYS C 90 10.94 -31.15 -10.26
CA LYS C 90 11.97 -30.18 -10.64
C LYS C 90 11.71 -28.78 -10.10
N ILE C 91 12.66 -27.86 -10.34
CA ILE C 91 12.59 -26.52 -9.77
C ILE C 91 12.30 -25.49 -10.83
N VAL C 92 13.27 -25.26 -11.70
CA VAL C 92 13.18 -24.31 -12.80
C VAL C 92 12.07 -24.69 -13.79
N THR C 93 11.93 -25.98 -14.04
CA THR C 93 10.86 -26.52 -14.87
C THR C 93 9.82 -27.16 -13.97
N GLY C 94 9.79 -26.73 -12.71
CA GLY C 94 8.82 -27.24 -11.78
C GLY C 94 7.53 -26.47 -11.77
N ARG C 95 6.83 -26.53 -10.64
CA ARG C 95 5.50 -25.97 -10.55
C ARG C 95 5.42 -24.90 -9.50
N GLY C 96 6.55 -24.54 -8.93
CA GLY C 96 6.51 -23.52 -7.91
C GLY C 96 7.07 -22.20 -8.35
N GLN C 97 7.28 -21.36 -7.34
CA GLN C 97 7.78 -20.02 -7.49
C GLN C 97 9.22 -19.98 -8.01
N LEU C 98 9.52 -19.03 -8.87
CA LEU C 98 10.91 -18.72 -9.15
C LEU C 98 10.88 -17.25 -8.78
N PRO C 99 11.55 -16.83 -7.72
CA PRO C 99 11.49 -15.44 -7.25
C PRO C 99 12.27 -14.50 -8.15
N PHE C 100 12.15 -13.20 -7.85
CA PHE C 100 12.83 -12.16 -8.59
C PHE C 100 14.29 -12.49 -8.89
N HIS C 101 14.59 -12.47 -10.17
CA HIS C 101 15.91 -12.71 -10.68
C HIS C 101 16.02 -12.13 -12.06
N ALA C 102 17.25 -12.14 -12.57
CA ALA C 102 17.51 -11.86 -13.97
C ALA C 102 18.14 -13.13 -14.52
N ASP C 103 18.09 -13.32 -15.81
CA ASP C 103 18.61 -14.56 -16.36
C ASP C 103 20.10 -14.55 -16.63
N GLY C 104 20.71 -15.70 -16.38
CA GLY C 104 22.11 -15.95 -16.70
C GLY C 104 23.19 -15.47 -15.77
N GLY C 105 22.93 -15.24 -14.50
CA GLY C 105 24.04 -14.82 -13.66
C GLY C 105 24.45 -15.85 -12.61
N LEU C 106 23.83 -17.04 -12.65
CA LEU C 106 24.16 -18.11 -11.71
C LEU C 106 25.15 -19.05 -12.41
N LEU C 107 24.74 -19.54 -13.58
CA LEU C 107 25.60 -20.31 -14.45
C LEU C 107 26.20 -19.33 -15.48
N LEU C 108 26.91 -18.32 -14.96
CA LEU C 108 27.53 -17.12 -15.60
C LEU C 108 27.64 -17.00 -17.14
N SER C 109 26.52 -16.63 -17.76
CA SER C 109 26.40 -16.58 -19.21
C SER C 109 25.60 -15.32 -19.51
N GLN C 110 26.12 -14.43 -20.35
CA GLN C 110 25.38 -13.20 -20.67
C GLN C 110 24.06 -13.48 -21.36
N VAL C 111 22.95 -12.95 -20.83
CA VAL C 111 21.65 -13.05 -21.50
C VAL C 111 21.09 -11.65 -21.72
N ASP C 112 20.81 -11.28 -22.96
CA ASP C 112 20.27 -9.98 -23.29
C ASP C 112 18.77 -10.04 -23.48
N GLN C 113 18.27 -11.02 -24.24
CA GLN C 113 16.83 -11.10 -24.43
C GLN C 113 16.29 -12.48 -24.00
N VAL C 114 15.15 -12.49 -23.31
CA VAL C 114 14.48 -13.70 -22.87
C VAL C 114 13.07 -13.78 -23.56
N PHE C 115 12.66 -14.95 -24.01
CA PHE C 115 11.47 -15.14 -24.83
C PHE C 115 10.68 -16.23 -24.20
N LEU C 116 9.39 -16.01 -24.06
CA LEU C 116 8.53 -17.00 -23.45
C LEU C 116 7.29 -17.10 -24.33
N TYR C 117 6.98 -18.29 -24.82
CA TYR C 117 5.79 -18.48 -25.63
C TYR C 117 4.89 -19.52 -25.01
N ALA C 118 3.60 -19.24 -24.98
CA ALA C 118 2.69 -20.21 -24.42
C ALA C 118 2.19 -21.22 -25.45
N ALA C 119 2.64 -22.46 -25.32
CA ALA C 119 2.21 -23.52 -26.21
C ALA C 119 0.84 -24.01 -25.78
N GLU C 120 0.63 -24.16 -24.47
CA GLU C 120 -0.61 -24.71 -23.92
C GLU C 120 -0.87 -24.29 -22.48
N ILE C 121 -2.04 -23.72 -22.26
CA ILE C 121 -2.46 -23.24 -20.96
C ILE C 121 -3.89 -23.64 -20.75
N LYS C 122 -4.12 -24.37 -19.66
CA LYS C 122 -5.43 -24.90 -19.36
C LYS C 122 -5.57 -24.93 -17.85
N ASN C 123 -6.80 -24.68 -17.39
CA ASN C 123 -7.20 -24.65 -15.98
C ASN C 123 -6.45 -23.73 -15.05
N VAL C 124 -5.99 -22.60 -15.58
CA VAL C 124 -5.29 -21.62 -14.77
C VAL C 124 -5.65 -20.20 -15.23
N LYS C 125 -6.07 -19.37 -14.28
CA LYS C 125 -6.58 -18.06 -14.61
C LYS C 125 -6.05 -17.00 -13.66
N PHE C 126 -5.62 -17.43 -12.48
CA PHE C 126 -5.08 -16.52 -11.49
C PHE C 126 -3.91 -17.13 -10.70
N ARG C 127 -3.12 -17.97 -11.35
CA ARG C 127 -1.89 -18.57 -10.75
C ARG C 127 -0.86 -18.64 -11.86
N GLY C 128 0.39 -18.93 -11.51
CA GLY C 128 1.44 -19.17 -12.49
C GLY C 128 1.84 -18.03 -13.39
N ALA C 129 1.68 -16.80 -12.90
CA ALA C 129 2.05 -15.66 -13.69
C ALA C 129 3.54 -15.55 -13.87
N THR C 130 3.96 -15.03 -15.01
CA THR C 130 5.31 -14.56 -15.15
C THR C 130 5.19 -13.07 -14.81
N THR C 131 5.97 -12.56 -13.87
CA THR C 131 5.84 -11.13 -13.57
C THR C 131 7.07 -10.34 -13.92
N VAL C 132 6.93 -9.08 -14.24
CA VAL C 132 8.04 -8.30 -14.75
C VAL C 132 8.22 -7.02 -13.96
N CYS C 133 9.46 -6.67 -13.56
CA CYS C 133 9.68 -5.45 -12.78
C CYS C 133 10.58 -4.40 -13.41
N ASP C 134 10.07 -3.17 -13.49
CA ASP C 134 10.85 -2.03 -14.01
C ASP C 134 11.85 -1.58 -12.95
N HIS C 135 13.06 -2.15 -12.98
CA HIS C 135 14.05 -1.85 -11.92
C HIS C 135 14.71 -0.50 -11.98
N ALA C 136 14.87 0.04 -13.19
CA ALA C 136 15.46 1.37 -13.28
C ALA C 136 14.58 2.47 -12.65
N LEU C 137 13.27 2.40 -12.89
CA LEU C 137 12.38 3.42 -12.31
C LEU C 137 12.26 3.18 -10.79
N ALA C 138 12.29 1.92 -10.40
CA ALA C 138 12.16 1.61 -8.99
C ALA C 138 13.37 2.03 -8.23
N CYS C 139 14.56 1.80 -8.78
CA CYS C 139 15.78 2.27 -8.13
C CYS C 139 15.85 3.78 -8.03
N GLN C 140 15.31 4.49 -9.02
CA GLN C 140 15.29 5.92 -9.01
C GLN C 140 14.32 6.48 -7.92
N GLU C 141 13.31 5.71 -7.56
CA GLU C 141 12.27 6.24 -6.71
C GLU C 141 12.23 5.65 -5.27
N PRO C 143 13.20 4.38 -1.42
CA PRO C 143 13.87 4.99 -0.27
C PRO C 143 15.38 4.70 -0.26
N ALA C 144 16.16 5.73 0.06
CA ALA C 144 17.61 5.68 0.12
C ALA C 144 18.17 4.51 0.89
N HIS C 145 17.56 4.10 2.00
CA HIS C 145 18.07 2.95 2.76
C HIS C 145 17.96 1.61 2.00
N LEU C 146 17.06 1.52 1.04
CA LEU C 146 16.97 0.32 0.24
C LEU C 146 18.03 0.31 -0.87
N LEU C 147 18.15 1.44 -1.55
CA LEU C 147 19.08 1.59 -2.63
C LEU C 147 20.56 1.52 -2.16
N ARG C 148 20.79 2.07 -0.97
CA ARG C 148 22.09 2.04 -0.26
C ARG C 148 22.66 0.62 -0.20
N VAL C 149 21.85 -0.30 0.29
CA VAL C 149 22.19 -1.71 0.38
C VAL C 149 22.52 -2.27 -0.97
N LEU C 150 21.64 -2.07 -1.96
CA LEU C 150 21.88 -2.58 -3.32
C LEU C 150 23.15 -2.03 -3.99
N GLU C 151 23.57 -0.83 -3.61
CA GLU C 151 24.72 -0.21 -4.23
C GLU C 151 26.02 -0.47 -3.48
N GLU C 152 25.95 -0.67 -2.18
CA GLU C 152 27.16 -0.71 -1.40
C GLU C 152 27.51 -2.03 -0.82
N GLU C 153 26.51 -2.91 -0.68
CA GLU C 153 26.78 -4.17 -0.02
C GLU C 153 27.08 -5.34 -0.93
N THR C 154 27.85 -6.32 -0.44
CA THR C 154 28.17 -7.45 -1.27
C THR C 154 27.10 -8.51 -1.16
N PHE C 155 26.51 -8.83 -2.31
CA PHE C 155 25.46 -9.81 -2.43
C PHE C 155 26.07 -11.12 -2.95
N GLU C 156 25.82 -12.22 -2.25
CA GLU C 156 26.28 -13.53 -2.67
C GLU C 156 25.17 -14.57 -2.82
N VAL C 157 25.36 -15.55 -3.73
CA VAL C 157 24.40 -16.62 -4.04
C VAL C 157 25.07 -18.02 -3.97
N ARG C 158 24.31 -19.04 -3.58
CA ARG C 158 24.71 -20.46 -3.58
C ARG C 158 23.64 -21.25 -4.32
N VAL C 159 24.07 -22.14 -5.21
CA VAL C 159 23.12 -23.00 -5.93
C VAL C 159 22.67 -24.19 -5.04
N LEU C 160 21.37 -24.52 -5.02
CA LEU C 160 20.84 -25.62 -4.20
C LEU C 160 19.97 -26.65 -4.92
N GLU C 161 20.34 -27.02 -6.15
CA GLU C 161 19.69 -28.04 -6.99
C GLU C 161 20.60 -28.30 -8.21
N TRP C 173 29.05 -20.52 -2.51
CA TRP C 173 28.93 -19.08 -2.24
C TRP C 173 29.80 -18.20 -3.14
N PHE C 174 29.14 -17.40 -3.97
CA PHE C 174 29.85 -16.55 -4.90
C PHE C 174 29.15 -15.20 -5.11
N LYS C 175 29.96 -14.20 -5.43
CA LYS C 175 29.54 -12.85 -5.61
C LYS C 175 28.73 -12.60 -6.89
N VAL C 176 27.58 -11.95 -6.73
CA VAL C 176 26.77 -11.55 -7.87
C VAL C 176 26.67 -10.04 -7.79
N PRO C 177 27.24 -9.37 -8.79
CA PRO C 177 27.29 -7.90 -8.80
C PRO C 177 25.89 -7.39 -9.01
N VAL C 178 25.38 -6.60 -8.07
CA VAL C 178 24.03 -6.12 -8.21
C VAL C 178 23.87 -5.29 -9.46
N PHE C 179 24.69 -4.26 -9.63
CA PHE C 179 24.56 -3.36 -10.78
C PHE C 179 25.78 -3.48 -11.69
N THR C 180 25.51 -3.60 -12.97
CA THR C 180 26.56 -3.57 -13.96
C THR C 180 26.15 -2.43 -14.88
N ASP C 181 26.94 -1.38 -14.88
CA ASP C 181 26.63 -0.16 -15.61
C ASP C 181 26.88 -0.34 -17.08
N LEU C 182 25.80 -0.40 -17.86
CA LEU C 182 25.94 -0.46 -19.31
C LEU C 182 25.70 0.93 -19.88
N GLY C 183 25.61 1.94 -19.03
CA GLY C 183 25.35 3.26 -19.53
C GLY C 183 23.89 3.67 -19.66
N TRP C 184 23.23 3.02 -20.60
CA TRP C 184 21.82 3.26 -20.87
C TRP C 184 20.93 2.66 -19.79
N VAL C 185 21.47 1.68 -19.09
CA VAL C 185 20.84 1.08 -17.91
C VAL C 185 21.95 0.52 -16.97
N ARG C 186 21.63 0.39 -15.69
CA ARG C 186 22.42 -0.36 -14.77
C ARG C 186 21.71 -1.73 -14.75
N LYS C 187 22.22 -2.69 -15.54
CA LYS C 187 21.78 -4.08 -15.60
C LYS C 187 21.83 -4.67 -14.22
N LEU C 189 21.52 -7.79 -11.57
CA LEU C 189 21.60 -9.24 -11.39
C LEU C 189 21.37 -9.43 -9.91
N ILE C 190 20.32 -10.14 -9.56
CA ILE C 190 19.94 -10.34 -8.15
C ILE C 190 19.16 -11.62 -8.12
N TYR C 191 19.10 -12.29 -6.98
CA TYR C 191 18.42 -13.58 -6.89
C TYR C 191 17.74 -13.58 -5.56
N PHE C 192 16.44 -13.35 -5.54
CA PHE C 192 15.68 -13.26 -4.30
C PHE C 192 15.54 -14.63 -3.57
N PRO C 193 15.28 -14.60 -2.27
CA PRO C 193 14.96 -15.82 -1.57
C PRO C 193 13.63 -16.31 -1.99
N PHE C 194 13.54 -17.62 -2.01
CA PHE C 194 12.31 -18.33 -2.29
C PHE C 194 11.44 -18.20 -1.06
N ASP C 195 10.14 -18.00 -1.26
CA ASP C 195 9.16 -17.95 -0.19
C ASP C 195 9.14 -19.28 0.55
N GLU C 196 8.81 -19.22 1.85
CA GLU C 196 8.70 -20.41 2.67
C GLU C 196 7.72 -21.42 2.06
N GLY C 197 8.15 -22.69 1.96
CA GLY C 197 7.30 -23.71 1.36
C GLY C 197 7.46 -23.93 -0.14
N GLN C 198 8.27 -23.11 -0.80
CA GLN C 198 8.59 -23.30 -2.22
C GLN C 198 9.98 -23.97 -2.36
N PRO C 199 10.13 -24.98 -3.22
CA PRO C 199 11.42 -25.66 -3.41
C PRO C 199 12.45 -24.70 -4.03
N ALA C 200 13.63 -24.66 -3.41
CA ALA C 200 14.62 -23.62 -3.71
C ALA C 200 15.77 -24.10 -4.56
N SER C 201 16.01 -23.34 -5.62
CA SER C 201 17.08 -23.58 -6.56
C SER C 201 18.32 -22.75 -6.20
N TRP C 202 18.10 -21.63 -5.52
CA TRP C 202 19.20 -20.82 -5.03
C TRP C 202 18.92 -20.27 -3.63
N GLU C 203 19.93 -19.67 -3.05
CA GLU C 203 19.79 -19.08 -1.75
C GLU C 203 20.72 -17.88 -1.76
N PRO C 204 20.20 -16.70 -1.42
CA PRO C 204 21.05 -15.51 -1.33
C PRO C 204 21.54 -15.24 0.07
N ARG C 205 22.57 -14.41 0.17
CA ARG C 205 23.05 -13.89 1.42
C ARG C 205 23.64 -12.52 1.15
N ILE C 206 23.70 -11.68 2.20
CA ILE C 206 24.39 -10.39 2.11
C ILE C 206 25.50 -10.40 3.16
N VAL C 207 26.73 -10.11 2.72
CA VAL C 207 27.91 -10.11 3.61
C VAL C 207 27.81 -9.04 4.67
N GLY C 208 28.00 -9.46 5.93
CA GLY C 208 27.93 -8.60 7.09
C GLY C 208 26.50 -8.39 7.58
N PHE C 209 25.56 -9.08 6.95
CA PHE C 209 24.18 -8.97 7.34
C PHE C 209 23.85 -10.29 8.03
N THR C 210 23.07 -10.22 9.10
CA THR C 210 22.54 -11.45 9.69
C THR C 210 21.37 -11.92 8.84
N ASP C 211 20.96 -13.17 9.09
CA ASP C 211 19.86 -13.85 8.42
C ASP C 211 18.56 -13.08 8.59
N HIS C 212 18.35 -12.54 9.81
CA HIS C 212 17.21 -11.69 10.17
C HIS C 212 17.20 -10.47 9.27
N GLU C 213 18.34 -9.77 9.21
CA GLU C 213 18.47 -8.57 8.43
C GLU C 213 18.25 -8.76 6.93
N THR C 214 18.76 -9.84 6.39
CA THR C 214 18.69 -10.16 4.97
C THR C 214 17.26 -10.48 4.57
N GLN C 215 16.62 -11.29 5.41
CA GLN C 215 15.23 -11.64 5.27
C GLN C 215 14.34 -10.41 5.35
N ALA C 216 14.59 -9.52 6.30
CA ALA C 216 13.82 -8.26 6.41
C ALA C 216 14.03 -7.36 5.20
N PHE C 217 15.28 -7.31 4.75
CA PHE C 217 15.65 -6.53 3.59
C PHE C 217 14.91 -6.98 2.36
N PHE C 218 14.94 -8.26 2.07
CA PHE C 218 14.32 -8.80 0.88
C PHE C 218 12.82 -8.73 0.90
N GLN C 219 12.21 -8.93 2.06
CA GLN C 219 10.74 -8.74 2.20
C GLN C 219 10.36 -7.28 1.88
N GLU C 220 11.10 -6.33 2.40
CA GLU C 220 10.77 -4.91 2.20
C GLU C 220 11.05 -4.42 0.78
N LEU C 221 12.17 -4.83 0.20
CA LEU C 221 12.50 -4.51 -1.18
C LEU C 221 11.51 -5.15 -2.17
N GLY C 222 11.23 -6.45 -1.98
CA GLY C 222 10.23 -7.17 -2.75
C GLY C 222 8.85 -6.48 -2.77
N ALA C 223 8.37 -6.04 -1.61
CA ALA C 223 7.12 -5.29 -1.56
C ALA C 223 7.19 -3.95 -2.33
N PHE C 224 8.35 -3.29 -2.29
CA PHE C 224 8.55 -2.07 -3.09
C PHE C 224 8.45 -2.36 -4.55
N LEU C 225 9.15 -3.42 -4.99
CA LEU C 225 9.21 -3.77 -6.39
C LEU C 225 7.90 -4.26 -6.99
N LYS C 226 7.02 -4.79 -6.14
CA LYS C 226 5.73 -5.29 -6.58
C LYS C 226 4.59 -4.28 -6.63
N GLN C 227 4.86 -3.03 -6.33
CA GLN C 227 3.88 -1.97 -6.45
C GLN C 227 3.50 -1.78 -7.95
N PRO C 228 2.23 -1.58 -8.26
CA PRO C 228 1.75 -1.50 -9.66
C PRO C 228 2.47 -0.52 -10.58
N ARG C 229 3.09 0.55 -10.08
CA ARG C 229 3.88 1.45 -10.89
C ARG C 229 5.06 0.72 -11.54
N TYR C 230 5.67 -0.23 -10.84
CA TYR C 230 6.81 -0.93 -11.41
C TYR C 230 6.54 -2.36 -11.87
N TYR C 231 5.38 -2.91 -11.52
CA TYR C 231 5.16 -4.35 -11.64
C TYR C 231 4.03 -4.80 -12.57
N TYR C 232 4.37 -5.65 -13.54
CA TYR C 232 3.38 -6.18 -14.48
C TYR C 232 3.21 -7.65 -14.21
N LYS C 233 1.99 -8.13 -14.04
CA LYS C 233 1.74 -9.56 -13.85
C LYS C 233 1.12 -10.13 -15.11
N HIS C 234 1.78 -11.10 -15.75
CA HIS C 234 1.26 -11.73 -16.96
C HIS C 234 0.57 -13.06 -16.70
N PHE C 235 -0.74 -13.15 -16.91
CA PHE C 235 -1.44 -14.41 -16.77
C PHE C 235 -1.55 -15.01 -18.12
N TRP C 236 -1.01 -16.21 -18.25
CA TRP C 236 -0.80 -16.79 -19.55
C TRP C 236 -2.02 -17.33 -20.27
N GLU C 237 -2.03 -17.15 -21.60
CA GLU C 237 -3.06 -17.74 -22.48
C GLU C 237 -2.36 -18.31 -23.73
N ASP C 238 -2.96 -19.35 -24.33
CA ASP C 238 -2.47 -19.95 -25.58
C ASP C 238 -2.14 -18.91 -26.64
N GLY C 239 -0.95 -18.99 -27.22
CA GLY C 239 -0.57 -17.98 -28.16
C GLY C 239 0.06 -16.69 -27.62
N ASP C 240 0.19 -16.53 -26.30
CA ASP C 240 0.92 -15.36 -25.78
C ASP C 240 2.43 -15.49 -26.01
N LEU C 241 3.05 -14.37 -26.34
CA LEU C 241 4.51 -14.28 -26.44
C LEU C 241 4.95 -13.13 -25.54
N LEU C 242 5.87 -13.42 -24.60
CA LEU C 242 6.44 -12.41 -23.72
C LEU C 242 7.93 -12.33 -24.04
N ILE C 243 8.39 -11.13 -24.39
CA ILE C 243 9.78 -10.92 -24.63
C ILE C 243 10.31 -9.97 -23.57
N ASP C 245 13.74 -7.66 -22.13
CA ASP C 245 15.12 -7.27 -22.20
C ASP C 245 15.64 -7.53 -20.77
N ASN C 246 16.51 -8.51 -20.65
CA ASN C 246 17.10 -9.04 -19.44
C ASN C 246 18.00 -8.08 -18.68
N ARG C 247 18.43 -6.99 -19.33
CA ARG C 247 19.20 -6.00 -18.62
C ARG C 247 18.32 -4.87 -18.09
N ARG C 248 17.04 -4.83 -18.49
CA ARG C 248 16.22 -3.66 -18.24
C ARG C 248 15.15 -4.01 -17.22
N VAL C 249 14.92 -5.31 -17.09
CA VAL C 249 13.93 -5.80 -16.14
C VAL C 249 14.44 -7.01 -15.40
N ILE C 250 13.81 -7.28 -14.25
CA ILE C 250 13.97 -8.53 -13.59
C ILE C 250 12.62 -9.20 -13.61
N HIS C 251 12.60 -10.49 -13.39
CA HIS C 251 11.33 -11.17 -13.46
C HIS C 251 11.13 -12.30 -12.48
N GLU C 252 9.91 -12.80 -12.43
CA GLU C 252 9.56 -13.83 -11.47
C GLU C 252 8.48 -14.76 -12.03
N ARG C 253 8.50 -16.03 -11.63
CA ARG C 253 7.38 -16.91 -11.90
C ARG C 253 6.62 -17.14 -10.56
N GLU C 254 5.30 -16.97 -10.56
CA GLU C 254 4.52 -17.27 -9.37
C GLU C 254 4.17 -18.75 -9.38
N GLU C 255 3.97 -19.34 -8.20
CA GLU C 255 3.66 -20.76 -8.05
C GLU C 255 2.40 -21.19 -8.84
N PHE C 256 2.35 -22.45 -9.24
CA PHE C 256 1.16 -23.00 -9.92
C PHE C 256 0.99 -24.46 -9.50
N ASN C 257 1.17 -24.70 -8.21
CA ASN C 257 1.16 -26.05 -7.69
C ASN C 257 -0.24 -26.69 -7.43
N ASP C 258 -0.88 -27.02 -8.53
CA ASP C 258 -2.18 -27.66 -8.59
C ASP C 258 -2.00 -28.53 -9.82
N ASP C 259 -2.24 -29.82 -9.68
CA ASP C 259 -1.99 -30.83 -10.74
C ASP C 259 -2.88 -30.71 -11.99
N ASP C 260 -4.00 -30.03 -11.85
CA ASP C 260 -4.94 -29.79 -12.94
C ASP C 260 -4.45 -28.82 -13.98
N ILE C 261 -3.53 -27.93 -13.59
CA ILE C 261 -2.97 -26.91 -14.46
C ILE C 261 -2.01 -27.46 -15.51
N VAL C 262 -2.21 -27.05 -16.77
CA VAL C 262 -1.27 -27.37 -17.81
C VAL C 262 -0.67 -26.04 -18.13
N ARG C 263 0.64 -25.91 -17.98
CA ARG C 263 1.29 -24.66 -18.25
C ARG C 263 2.55 -25.01 -18.97
N ARG C 264 2.50 -24.91 -20.29
CA ARG C 264 3.65 -25.34 -21.06
C ARG C 264 4.14 -24.16 -21.85
N LEU C 265 5.37 -23.76 -21.56
CA LEU C 265 5.97 -22.66 -22.22
C LEU C 265 7.28 -23.01 -22.91
N TYR C 266 7.55 -22.32 -24.01
CA TYR C 266 8.83 -22.51 -24.70
C TYR C 266 9.71 -21.31 -24.34
N ARG C 267 10.98 -21.55 -24.08
CA ARG C 267 11.87 -20.47 -23.67
C ARG C 267 13.07 -20.31 -24.58
N GLY C 268 13.36 -19.10 -24.97
CA GLY C 268 14.54 -18.85 -25.78
C GLY C 268 15.36 -17.74 -25.14
N GLN C 269 16.68 -17.79 -25.32
CA GLN C 269 17.59 -16.84 -24.71
C GLN C 269 18.65 -16.35 -25.67
N THR C 270 18.71 -15.04 -25.88
CA THR C 270 19.73 -14.49 -26.78
C THR C 270 20.63 -13.42 -26.17
N ALA C 271 21.80 -13.26 -26.79
CA ALA C 271 22.82 -12.30 -26.38
C ALA C 271 23.76 -11.95 -27.53
N ASP C 272 24.34 -10.75 -27.43
CA ASP C 272 25.37 -10.24 -28.34
C ASP C 272 26.69 -10.05 -27.57
N ILE C 273 27.82 -9.97 -28.28
CA ILE C 273 29.11 -9.84 -27.58
C ILE C 273 29.59 -8.37 -27.51
#